data_2G1Y
#
_entry.id   2G1Y
#
_cell.length_a   141.038
_cell.length_b   141.038
_cell.length_c   141.038
_cell.angle_alpha   90.00
_cell.angle_beta   90.00
_cell.angle_gamma   90.00
#
_symmetry.space_group_name_H-M   'P 21 3'
#
loop_
_entity.id
_entity.type
_entity.pdbx_description
1 polymer Renin
2 non-polymer 2-acetamido-2-deoxy-beta-D-glucopyranose
3 non-polymer 6-(2,4-DIAMINO-6-ETHYLPYRIMIDIN-5-YL)-4-(3-METHOXYPROPYL)-2,2-DIMETHYL-2H-1,4-BENZOXAZIN-3(4H)-ONE
4 water water
#
_entity_poly.entity_id   1
_entity_poly.type   'polypeptide(L)'
_entity_poly.pdbx_seq_one_letter_code
;SSVILTNYMDTQYYGEIGIGTPPQTFKVVFDTGSSNVWVPSSKCSRLYTACVYHKLFDASDSSSYKHNGTELTLRYSTGT
VSGFLSQDIITVGGITVTQMFGEVTEMPALPFMLAEFDGVVGMGFIEQAIGRVTPIFDNIISQGVLKEDVFSFYYNRDSE
NSQSLGGQIVLGGSDPQHYEGNFHYINLIKTGVWQIQMKGVSVGSSTLLCEDGCLALVDTGASYISGSTSSIEKLMEALG
AKKRLFDYVVKCNEGPTLPDISFHLGGKEYTLTSADYVFQESYSSKKLCTLAIHAMDIPPPTGPTWALGATFIRKFYTEF
DRRNNRIGFALAR
;
_entity_poly.pdbx_strand_id   A,B
#
loop_
_chem_comp.id
_chem_comp.type
_chem_comp.name
_chem_comp.formula
5IG non-polymer 6-(2,4-DIAMINO-6-ETHYLPYRIMIDIN-5-YL)-4-(3-METHOXYPROPYL)-2,2-DIMETHYL-2H-1,4-BENZOXAZIN-3(4H)-ONE 'C20 H27 N5 O3'
NAG D-saccharide, beta linking 2-acetamido-2-deoxy-beta-D-glucopyranose 'C8 H15 N O6'
#
# COMPACT_ATOMS: atom_id res chain seq x y z
N SER A 1 -1.43 31.73 22.32
CA SER A 1 -2.11 30.51 21.88
C SER A 1 -1.34 29.78 20.81
N SER A 2 -1.50 28.47 20.78
CA SER A 2 -0.84 27.66 19.78
C SER A 2 -1.89 26.74 19.17
N VAL A 3 -1.78 26.54 17.86
CA VAL A 3 -2.68 25.66 17.15
C VAL A 3 -1.87 24.51 16.57
N ILE A 4 -2.34 23.30 16.78
CA ILE A 4 -1.64 22.14 16.28
C ILE A 4 -1.92 21.97 14.79
N LEU A 5 -0.86 21.76 14.01
CA LEU A 5 -1.05 21.60 12.58
C LEU A 5 -0.85 20.14 12.16
N THR A 6 -1.46 19.80 11.04
CA THR A 6 -1.36 18.46 10.47
C THR A 6 -0.51 18.60 9.23
N ASN A 7 0.43 17.68 9.05
CA ASN A 7 1.29 17.71 7.88
C ASN A 7 0.84 16.66 6.87
N TYR A 8 0.56 17.11 5.66
CA TYR A 8 0.14 16.23 4.61
C TYR A 8 1.19 16.16 3.52
N MET A 9 1.88 15.02 3.45
CA MET A 9 2.91 14.79 2.43
C MET A 9 3.95 15.90 2.31
N ASP A 10 4.13 16.69 3.34
CA ASP A 10 5.11 17.77 3.29
C ASP A 10 4.70 18.93 2.37
N THR A 11 3.50 18.86 1.81
CA THR A 11 3.06 19.92 0.91
C THR A 11 1.88 20.72 1.42
N GLN A 12 1.20 20.20 2.44
CA GLN A 12 0.05 20.90 3.01
C GLN A 12 0.07 20.90 4.53
N TYR A 13 0.07 22.09 5.12
CA TYR A 13 0.05 22.20 6.58
C TYR A 13 -1.20 22.98 6.94
N TYR A 14 -2.01 22.42 7.83
CA TYR A 14 -3.24 23.09 8.22
C TYR A 14 -3.67 22.77 9.63
N GLY A 15 -4.44 23.68 10.22
CA GLY A 15 -4.92 23.52 11.57
C GLY A 15 -6.41 23.71 11.62
N GLU A 16 -7.00 23.60 12.81
CA GLU A 16 -8.43 23.73 12.96
C GLU A 16 -8.88 25.07 13.52
N ILE A 17 -10.06 25.52 13.09
CA ILE A 17 -10.66 26.76 13.58
C ILE A 17 -12.17 26.54 13.56
N GLY A 18 -12.87 27.19 14.48
CA GLY A 18 -14.31 27.05 14.55
C GLY A 18 -14.98 28.35 14.17
N ILE A 19 -16.04 28.27 13.38
CA ILE A 19 -16.77 29.45 12.96
C ILE A 19 -18.26 29.33 13.28
N GLY A 20 -18.83 30.39 13.81
CA GLY A 20 -20.25 30.39 14.13
C GLY A 20 -20.62 29.81 15.47
N THR A 21 -21.92 29.83 15.75
CA THR A 21 -22.47 29.33 17.00
C THR A 21 -23.63 28.43 16.60
N PRO A 22 -23.53 27.11 16.87
CA PRO A 22 -22.39 26.44 17.49
C PRO A 22 -21.22 26.48 16.51
N PRO A 23 -20.01 26.22 17.00
CA PRO A 23 -18.84 26.25 16.11
C PRO A 23 -18.91 25.20 14.99
N GLN A 24 -18.70 25.65 13.76
CA GLN A 24 -18.65 24.75 12.62
C GLN A 24 -17.14 24.67 12.40
N THR A 25 -16.59 23.47 12.43
CA THR A 25 -15.14 23.30 12.29
C THR A 25 -14.62 23.25 10.85
N PHE A 26 -13.39 23.71 10.66
CA PHE A 26 -12.76 23.73 9.34
C PHE A 26 -11.26 23.55 9.46
N LYS A 27 -10.66 22.92 8.45
CA LYS A 27 -9.22 22.74 8.40
C LYS A 27 -8.77 23.92 7.54
N VAL A 28 -7.77 24.65 7.99
CA VAL A 28 -7.30 25.81 7.23
C VAL A 28 -5.78 25.97 7.24
N VAL A 29 -5.24 26.52 6.17
CA VAL A 29 -3.82 26.77 6.10
C VAL A 29 -3.61 28.19 6.63
N PHE A 30 -2.63 28.37 7.51
CA PHE A 30 -2.35 29.71 8.01
C PHE A 30 -1.29 30.20 7.03
N ASP A 31 -1.74 31.13 6.20
CA ASP A 31 -0.96 31.67 5.08
C ASP A 31 -0.42 33.09 5.21
N THR A 32 0.90 33.21 5.34
CA THR A 32 1.51 34.53 5.44
C THR A 32 1.61 35.15 4.05
N GLY A 33 1.18 34.40 3.05
CA GLY A 33 1.21 34.89 1.67
C GLY A 33 -0.09 35.50 1.19
N SER A 34 -1.06 35.66 2.08
CA SER A 34 -2.34 36.27 1.72
C SER A 34 -2.90 36.92 2.97
N SER A 35 -3.98 37.69 2.84
CA SER A 35 -4.55 38.40 3.98
C SER A 35 -6.02 38.18 4.27
N ASN A 36 -6.68 37.28 3.55
CA ASN A 36 -8.09 37.06 3.83
C ASN A 36 -8.34 35.71 4.46
N VAL A 37 -9.52 35.58 5.04
CA VAL A 37 -9.93 34.32 5.64
C VAL A 37 -11.07 33.83 4.77
N TRP A 38 -11.10 32.54 4.49
CA TRP A 38 -12.17 31.99 3.69
C TRP A 38 -12.35 30.50 3.90
N VAL A 39 -13.59 30.05 3.80
CA VAL A 39 -13.93 28.64 3.94
C VAL A 39 -15.02 28.35 2.92
N PRO A 40 -15.16 27.08 2.52
CA PRO A 40 -16.20 26.71 1.55
C PRO A 40 -17.59 27.00 2.10
N SER A 41 -18.45 27.55 1.25
CA SER A 41 -19.81 27.92 1.64
C SER A 41 -20.86 26.86 1.30
N SER A 42 -21.92 26.82 2.09
CA SER A 42 -23.00 25.87 1.82
C SER A 42 -23.75 26.35 0.56
N LYS A 43 -23.49 27.58 0.14
CA LYS A 43 -24.13 28.14 -1.04
C LYS A 43 -23.29 27.79 -2.27
N CYS A 44 -22.28 26.97 -2.07
CA CYS A 44 -21.45 26.56 -3.19
C CYS A 44 -22.10 25.43 -3.94
N SER A 45 -22.33 25.66 -5.23
CA SER A 45 -22.95 24.67 -6.10
C SER A 45 -22.23 23.35 -5.97
N ARG A 46 -22.99 22.27 -5.87
CA ARG A 46 -22.38 20.96 -5.77
C ARG A 46 -21.82 20.53 -7.12
N LEU A 47 -22.01 21.39 -8.13
CA LEU A 47 -21.49 21.14 -9.47
C LEU A 47 -19.97 21.30 -9.35
N TYR A 48 -19.54 22.01 -8.30
CA TYR A 48 -18.13 22.19 -7.99
C TYR A 48 -17.83 21.01 -7.07
N THR A 49 -17.31 19.93 -7.66
CA THR A 49 -17.03 18.73 -6.89
C THR A 49 -16.20 18.99 -5.64
N ALA A 50 -15.30 19.98 -5.71
CA ALA A 50 -14.48 20.32 -4.56
C ALA A 50 -15.35 20.69 -3.35
N CYS A 51 -16.52 21.27 -3.59
CA CYS A 51 -17.41 21.63 -2.50
C CYS A 51 -18.11 20.42 -1.91
N VAL A 52 -18.16 19.34 -2.69
CA VAL A 52 -18.76 18.10 -2.25
C VAL A 52 -17.81 17.39 -1.30
N TYR A 53 -16.50 17.61 -1.48
CA TYR A 53 -15.46 16.99 -0.66
C TYR A 53 -14.88 17.79 0.52
N HIS A 54 -15.47 18.94 0.85
CA HIS A 54 -14.96 19.71 1.98
C HIS A 54 -16.06 20.17 2.93
N LYS A 55 -15.65 20.61 4.11
CA LYS A 55 -16.59 21.10 5.10
C LYS A 55 -17.12 22.43 4.54
N LEU A 56 -18.44 22.65 4.65
CA LEU A 56 -19.05 23.86 4.13
C LEU A 56 -19.72 24.67 5.24
N PHE A 57 -19.39 25.95 5.33
CA PHE A 57 -20.02 26.79 6.34
C PHE A 57 -21.47 27.11 5.94
N ASP A 58 -22.38 26.90 6.88
CA ASP A 58 -23.79 27.18 6.66
C ASP A 58 -24.24 28.25 7.64
N ALA A 59 -24.44 29.46 7.12
CA ALA A 59 -24.85 30.59 7.96
C ALA A 59 -26.17 30.29 8.67
N SER A 60 -27.03 29.54 8.00
CA SER A 60 -28.34 29.19 8.55
C SER A 60 -28.31 28.43 9.87
N ASP A 61 -27.15 27.92 10.25
CA ASP A 61 -27.03 27.17 11.50
C ASP A 61 -26.23 27.93 12.54
N SER A 62 -25.87 29.16 12.22
CA SER A 62 -25.10 30.00 13.14
C SER A 62 -25.93 31.16 13.67
N SER A 63 -26.09 31.20 14.99
CA SER A 63 -26.87 32.25 15.63
C SER A 63 -26.08 33.57 15.69
N SER A 64 -24.75 33.48 15.63
CA SER A 64 -23.90 34.65 15.69
C SER A 64 -23.52 35.22 14.31
N TYR A 65 -24.08 34.65 13.25
CA TYR A 65 -23.82 35.08 11.88
C TYR A 65 -24.18 36.54 11.62
N LYS A 66 -23.40 37.19 10.76
CA LYS A 66 -23.64 38.59 10.41
C LYS A 66 -23.45 38.76 8.90
N HIS A 67 -24.56 39.01 8.22
CA HIS A 67 -24.57 39.18 6.76
C HIS A 67 -23.82 40.42 6.24
N ASN A 68 -23.38 40.34 5.00
CA ASN A 68 -22.67 41.42 4.34
C ASN A 68 -22.84 41.23 2.85
N GLY A 69 -22.49 40.05 2.38
CA GLY A 69 -22.65 39.71 0.97
C GLY A 69 -21.78 40.36 -0.08
N THR A 70 -20.80 41.16 0.33
CA THR A 70 -19.93 41.80 -0.64
C THR A 70 -19.10 40.73 -1.35
N GLU A 71 -19.17 40.71 -2.67
CA GLU A 71 -18.44 39.74 -3.47
C GLU A 71 -16.93 39.97 -3.45
N LEU A 72 -16.16 38.89 -3.55
CA LEU A 72 -14.72 39.01 -3.59
C LEU A 72 -14.11 37.81 -4.28
N THR A 73 -12.91 38.01 -4.80
CA THR A 73 -12.18 36.97 -5.49
C THR A 73 -10.75 36.93 -4.97
N LEU A 74 -10.31 35.74 -4.58
CA LEU A 74 -8.97 35.55 -4.06
C LEU A 74 -8.08 34.83 -5.08
N ARG A 75 -7.01 35.50 -5.49
CA ARG A 75 -6.09 34.95 -6.48
C ARG A 75 -4.80 34.43 -5.86
N TYR A 76 -4.59 33.12 -5.94
CA TYR A 76 -3.36 32.55 -5.41
C TYR A 76 -2.53 32.10 -6.62
N SER A 77 -1.25 31.87 -6.40
CA SER A 77 -0.36 31.45 -7.48
C SER A 77 -0.79 30.17 -8.15
N THR A 78 -1.57 29.35 -7.46
CA THR A 78 -1.98 28.09 -8.04
C THR A 78 -3.47 27.85 -8.10
N GLY A 79 -4.26 28.88 -7.87
CA GLY A 79 -5.69 28.71 -7.93
C GLY A 79 -6.47 29.92 -7.47
N THR A 80 -7.73 29.98 -7.89
CA THR A 80 -8.60 31.09 -7.56
C THR A 80 -9.91 30.61 -6.92
N VAL A 81 -10.48 31.45 -6.05
CA VAL A 81 -11.75 31.13 -5.42
C VAL A 81 -12.60 32.40 -5.38
N SER A 82 -13.91 32.24 -5.58
CA SER A 82 -14.84 33.35 -5.57
C SER A 82 -15.89 33.14 -4.49
N GLY A 83 -16.45 34.25 -4.01
CA GLY A 83 -17.47 34.16 -3.00
C GLY A 83 -17.96 35.52 -2.55
N PHE A 84 -18.55 35.56 -1.37
CA PHE A 84 -19.04 36.81 -0.81
C PHE A 84 -18.60 36.87 0.64
N LEU A 85 -18.69 38.05 1.24
CA LEU A 85 -18.26 38.22 2.62
C LEU A 85 -19.36 37.95 3.65
N SER A 86 -18.92 37.56 4.84
CA SER A 86 -19.79 37.29 5.97
C SER A 86 -19.00 37.56 7.25
N GLN A 87 -19.72 37.69 8.37
CA GLN A 87 -19.05 37.94 9.63
C GLN A 87 -19.56 36.93 10.65
N ASP A 88 -18.67 36.46 11.51
CA ASP A 88 -19.09 35.52 12.54
C ASP A 88 -17.95 35.37 13.52
N ILE A 89 -18.18 34.68 14.62
CA ILE A 89 -17.12 34.50 15.60
C ILE A 89 -16.22 33.32 15.21
N ILE A 90 -14.92 33.56 15.16
CA ILE A 90 -14.00 32.50 14.80
C ILE A 90 -13.10 32.14 15.98
N THR A 91 -13.04 30.83 16.25
CA THR A 91 -12.25 30.28 17.34
C THR A 91 -10.91 29.86 16.80
N VAL A 92 -9.84 30.49 17.27
CA VAL A 92 -8.51 30.12 16.82
C VAL A 92 -7.68 29.74 18.03
N GLY A 93 -7.63 28.44 18.30
CA GLY A 93 -6.86 27.94 19.42
C GLY A 93 -6.91 28.72 20.71
N GLY A 94 -8.10 28.87 21.29
CA GLY A 94 -8.21 29.59 22.54
C GLY A 94 -8.73 31.01 22.42
N ILE A 95 -8.22 31.73 21.42
CA ILE A 95 -8.64 33.10 21.18
C ILE A 95 -9.93 33.08 20.37
N THR A 96 -10.89 33.90 20.76
CA THR A 96 -12.15 34.00 20.06
C THR A 96 -12.22 35.41 19.49
N VAL A 97 -12.48 35.53 18.20
CA VAL A 97 -12.56 36.87 17.61
C VAL A 97 -13.67 36.98 16.58
N THR A 98 -14.31 38.14 16.54
CA THR A 98 -15.35 38.37 15.55
C THR A 98 -14.56 38.72 14.29
N GLN A 99 -14.87 38.05 13.20
CA GLN A 99 -14.11 38.25 11.98
C GLN A 99 -14.94 38.27 10.69
N MET A 100 -14.49 39.06 9.73
CA MET A 100 -15.14 39.15 8.43
C MET A 100 -14.40 38.14 7.58
N PHE A 101 -15.13 37.21 6.97
CA PHE A 101 -14.47 36.21 6.14
C PHE A 101 -15.22 35.96 4.85
N GLY A 102 -14.61 35.20 3.96
CA GLY A 102 -15.27 34.91 2.70
C GLY A 102 -15.88 33.53 2.63
N GLU A 103 -17.15 33.49 2.20
CA GLU A 103 -17.85 32.23 1.99
C GLU A 103 -17.69 31.96 0.50
N VAL A 104 -16.84 31.01 0.17
CA VAL A 104 -16.58 30.69 -1.23
C VAL A 104 -17.68 29.87 -1.91
N THR A 105 -18.11 30.34 -3.07
CA THR A 105 -19.15 29.65 -3.83
C THR A 105 -18.56 29.08 -5.12
N GLU A 106 -17.28 29.31 -5.35
CA GLU A 106 -16.63 28.81 -6.55
C GLU A 106 -15.23 28.26 -6.21
N MET A 107 -15.16 26.95 -6.16
CA MET A 107 -13.96 26.22 -5.80
C MET A 107 -13.58 25.27 -6.93
N PRO A 108 -12.73 25.73 -7.86
CA PRO A 108 -12.32 24.88 -8.98
C PRO A 108 -11.66 23.56 -8.58
N ALA A 109 -12.09 22.50 -9.25
CA ALA A 109 -11.60 21.14 -9.03
C ALA A 109 -10.08 21.09 -8.98
N LEU A 110 -9.44 21.66 -9.97
CA LEU A 110 -7.99 21.73 -9.96
C LEU A 110 -7.79 23.15 -9.49
N PRO A 111 -7.11 23.34 -8.35
CA PRO A 111 -6.51 22.34 -7.47
C PRO A 111 -7.25 21.88 -6.23
N PHE A 112 -8.34 22.55 -5.85
CA PHE A 112 -8.97 22.21 -4.60
C PHE A 112 -9.45 20.80 -4.31
N MET A 113 -9.61 19.99 -5.35
CA MET A 113 -9.99 18.59 -5.13
C MET A 113 -8.79 17.89 -4.53
N LEU A 114 -7.61 18.49 -4.66
CA LEU A 114 -6.38 17.91 -4.12
C LEU A 114 -5.99 18.53 -2.79
N ALA A 115 -6.82 19.42 -2.25
CA ALA A 115 -6.53 20.03 -0.97
C ALA A 115 -7.08 19.22 0.19
N GLU A 116 -6.23 18.95 1.17
CA GLU A 116 -6.65 18.21 2.35
C GLU A 116 -7.36 19.21 3.25
N PHE A 117 -7.06 20.50 3.06
CA PHE A 117 -7.67 21.55 3.85
C PHE A 117 -8.96 22.05 3.24
N ASP A 118 -9.74 22.75 4.05
CA ASP A 118 -11.00 23.33 3.60
C ASP A 118 -10.78 24.77 3.16
N GLY A 119 -10.12 25.55 4.01
CA GLY A 119 -9.92 26.94 3.68
C GLY A 119 -8.59 27.57 4.05
N VAL A 120 -8.60 28.91 4.07
CA VAL A 120 -7.40 29.66 4.37
C VAL A 120 -7.60 30.82 5.34
N VAL A 121 -6.64 30.97 6.24
CA VAL A 121 -6.64 32.06 7.20
C VAL A 121 -5.41 32.88 6.81
N GLY A 122 -5.64 34.04 6.20
CA GLY A 122 -4.54 34.89 5.78
C GLY A 122 -3.87 35.62 6.93
N MET A 123 -2.55 35.48 7.03
CA MET A 123 -1.78 36.13 8.09
C MET A 123 -1.03 37.35 7.57
N GLY A 124 -1.30 37.73 6.33
CA GLY A 124 -0.65 38.89 5.73
C GLY A 124 -1.15 40.20 6.28
N PHE A 125 -0.59 41.31 5.81
CA PHE A 125 -1.00 42.63 6.27
C PHE A 125 -2.29 43.09 5.60
N ILE A 126 -2.97 44.03 6.22
CA ILE A 126 -4.22 44.51 5.66
C ILE A 126 -3.96 45.18 4.32
N GLU A 127 -2.76 45.68 4.13
CA GLU A 127 -2.40 46.34 2.88
C GLU A 127 -2.65 45.43 1.68
N GLN A 128 -2.52 44.12 1.89
CA GLN A 128 -2.75 43.15 0.81
C GLN A 128 -4.12 42.49 0.88
N ALA A 129 -4.97 42.98 1.77
CA ALA A 129 -6.30 42.40 1.94
C ALA A 129 -7.27 42.77 0.81
N ILE A 130 -7.78 41.74 0.14
CA ILE A 130 -8.74 41.95 -0.93
C ILE A 130 -10.02 42.47 -0.30
N GLY A 131 -10.52 43.60 -0.80
CA GLY A 131 -11.73 44.17 -0.23
C GLY A 131 -11.50 44.98 1.03
N ARG A 132 -10.24 45.25 1.35
CA ARG A 132 -9.90 46.03 2.53
C ARG A 132 -10.52 45.46 3.82
N VAL A 133 -10.61 44.14 3.90
CA VAL A 133 -11.16 43.47 5.08
C VAL A 133 -10.11 43.37 6.20
N THR A 134 -10.47 43.75 7.42
CA THR A 134 -9.51 43.67 8.51
C THR A 134 -9.04 42.22 8.72
N PRO A 135 -7.72 41.99 8.62
CA PRO A 135 -7.11 40.67 8.79
C PRO A 135 -7.33 40.13 10.20
N ILE A 136 -7.48 38.81 10.31
CA ILE A 136 -7.72 38.21 11.61
C ILE A 136 -6.62 38.51 12.62
N PHE A 137 -5.37 38.59 12.18
CA PHE A 137 -4.34 38.87 13.16
C PHE A 137 -4.45 40.28 13.71
N ASP A 138 -4.86 41.22 12.86
CA ASP A 138 -5.02 42.59 13.34
C ASP A 138 -6.13 42.61 14.39
N ASN A 139 -7.22 41.90 14.11
CA ASN A 139 -8.34 41.84 15.03
C ASN A 139 -7.97 41.21 16.37
N ILE A 140 -7.11 40.19 16.34
CA ILE A 140 -6.70 39.54 17.58
C ILE A 140 -5.86 40.54 18.38
N ILE A 141 -4.98 41.26 17.69
CA ILE A 141 -4.14 42.25 18.35
C ILE A 141 -4.99 43.31 19.04
N SER A 142 -6.05 43.74 18.38
CA SER A 142 -6.95 44.74 18.91
C SER A 142 -7.47 44.41 20.30
N GLN A 143 -7.50 43.13 20.63
CA GLN A 143 -8.00 42.69 21.92
C GLN A 143 -6.98 42.86 23.03
N GLY A 144 -5.76 43.23 22.66
CA GLY A 144 -4.70 43.43 23.64
C GLY A 144 -4.56 42.27 24.62
N VAL A 145 -4.42 41.06 24.12
CA VAL A 145 -4.28 39.88 24.96
C VAL A 145 -2.97 39.15 24.67
N LEU A 146 -2.55 39.17 23.41
CA LEU A 146 -1.31 38.52 23.01
C LEU A 146 -0.14 39.13 23.76
N LYS A 147 0.70 38.28 24.35
CA LYS A 147 1.86 38.77 25.09
C LYS A 147 2.77 39.63 24.21
N GLU A 148 2.76 39.34 22.91
CA GLU A 148 3.57 40.08 21.94
C GLU A 148 2.90 40.09 20.57
N ASP A 149 3.21 41.11 19.78
CA ASP A 149 2.66 41.24 18.44
C ASP A 149 3.44 40.40 17.43
N VAL A 150 3.42 39.09 17.64
CA VAL A 150 4.12 38.16 16.76
C VAL A 150 3.44 36.80 16.70
N PHE A 151 3.75 36.04 15.66
CA PHE A 151 3.25 34.68 15.52
C PHE A 151 4.37 33.85 14.91
N SER A 152 4.45 32.59 15.31
CA SER A 152 5.52 31.71 14.84
C SER A 152 5.07 30.45 14.12
N PHE A 153 5.92 29.96 13.24
CA PHE A 153 5.62 28.76 12.49
C PHE A 153 6.65 27.66 12.65
N TYR A 154 6.15 26.47 12.92
CA TYR A 154 6.99 25.29 13.02
C TYR A 154 6.36 24.31 12.07
N TYR A 155 7.10 23.92 11.03
CA TYR A 155 6.64 22.95 10.05
C TYR A 155 7.57 21.76 10.20
N ASN A 156 7.04 20.66 10.72
CA ASN A 156 7.84 19.46 10.93
C ASN A 156 8.02 18.73 9.61
N ARG A 157 8.84 17.70 9.64
CA ARG A 157 9.07 16.87 8.48
C ARG A 157 7.98 15.81 8.50
N ASP A 158 7.56 15.36 7.31
CA ASP A 158 6.52 14.33 7.20
C ASP A 158 6.78 13.17 8.16
N SER A 159 5.76 12.37 8.42
CA SER A 159 5.93 11.23 9.32
C SER A 159 4.89 10.12 9.08
N GLU A 160 5.37 8.88 8.96
CA GLU A 160 4.50 7.73 8.72
C GLU A 160 3.77 7.24 9.97
N ASN A 161 4.00 7.91 11.09
CA ASN A 161 3.36 7.52 12.33
C ASN A 161 2.69 8.67 13.05
N SER A 162 1.44 8.95 12.68
CA SER A 162 0.70 10.03 13.32
C SER A 162 0.83 9.86 14.82
N GLN A 163 1.65 10.73 15.42
CA GLN A 163 1.91 10.72 16.85
C GLN A 163 2.90 11.85 17.05
N SER A 164 3.48 12.27 15.93
CA SER A 164 4.42 13.39 15.88
C SER A 164 3.64 14.51 15.23
N LEU A 165 3.59 15.68 15.86
CA LEU A 165 2.85 16.80 15.30
C LEU A 165 3.42 17.21 13.96
N GLY A 166 2.54 17.46 13.01
CA GLY A 166 2.97 17.87 11.69
C GLY A 166 3.48 19.29 11.67
N GLY A 167 3.16 20.03 12.72
CA GLY A 167 3.60 21.42 12.81
C GLY A 167 2.79 22.17 13.84
N GLN A 168 3.16 23.43 14.08
CA GLN A 168 2.46 24.23 15.06
C GLN A 168 2.63 25.73 14.84
N ILE A 169 1.54 26.46 15.06
CA ILE A 169 1.58 27.91 14.93
C ILE A 169 1.28 28.52 16.30
N VAL A 170 2.12 29.46 16.73
CA VAL A 170 1.92 30.13 17.99
C VAL A 170 1.60 31.59 17.77
N LEU A 171 0.52 32.04 18.40
CA LEU A 171 0.09 33.42 18.33
C LEU A 171 0.59 34.10 19.60
N GLY A 172 1.39 35.15 19.43
CA GLY A 172 1.92 35.87 20.58
C GLY A 172 3.36 35.55 20.97
N GLY A 173 4.04 34.73 20.17
CA GLY A 173 5.41 34.39 20.48
C GLY A 173 5.99 33.20 19.75
N SER A 174 7.01 32.59 20.34
CA SER A 174 7.66 31.43 19.76
C SER A 174 7.80 30.34 20.81
N ASP A 175 7.70 29.08 20.37
CA ASP A 175 7.84 27.96 21.28
C ASP A 175 9.29 27.48 21.24
N PRO A 176 10.04 27.73 22.33
CA PRO A 176 11.45 27.34 22.49
C PRO A 176 11.65 25.84 22.33
N GLN A 177 10.56 25.11 22.46
CA GLN A 177 10.60 23.66 22.35
C GLN A 177 10.93 23.23 20.93
N HIS A 178 10.70 24.10 19.95
CA HIS A 178 10.96 23.75 18.55
C HIS A 178 12.02 24.52 17.77
N TYR A 179 13.02 25.03 18.48
CA TYR A 179 14.12 25.72 17.83
C TYR A 179 15.30 25.85 18.78
N GLU A 180 16.48 25.93 18.21
CA GLU A 180 17.69 26.07 19.01
C GLU A 180 18.49 27.25 18.46
N GLY A 181 19.51 27.66 19.21
CA GLY A 181 20.30 28.81 18.78
C GLY A 181 19.49 30.07 19.00
N ASN A 182 19.92 31.17 18.41
CA ASN A 182 19.20 32.43 18.57
C ASN A 182 18.56 32.81 17.25
N PHE A 183 17.50 33.62 17.32
CA PHE A 183 16.85 34.06 16.10
C PHE A 183 17.80 35.05 15.42
N HIS A 184 17.69 35.13 14.10
CA HIS A 184 18.48 36.07 13.35
C HIS A 184 17.40 36.80 12.58
N TYR A 185 17.21 38.06 12.93
CA TYR A 185 16.18 38.86 12.30
C TYR A 185 16.61 39.58 11.04
N ILE A 186 15.62 39.89 10.22
CA ILE A 186 15.82 40.60 8.97
C ILE A 186 14.66 41.57 8.89
N ASN A 187 14.94 42.84 8.64
CA ASN A 187 13.88 43.83 8.56
C ASN A 187 13.09 43.69 7.27
N LEU A 188 11.79 43.91 7.37
CA LEU A 188 10.91 43.81 6.21
C LEU A 188 11.23 44.94 5.24
N ILE A 189 11.32 44.62 3.96
CA ILE A 189 11.57 45.64 2.96
C ILE A 189 10.56 46.74 3.19
N LYS A 190 9.28 46.36 3.13
CA LYS A 190 8.18 47.29 3.34
C LYS A 190 7.09 46.63 4.15
N THR A 191 6.48 47.36 5.08
CA THR A 191 5.38 46.78 5.86
C THR A 191 4.23 46.61 4.87
N GLY A 192 3.38 45.62 5.10
CA GLY A 192 2.29 45.38 4.18
C GLY A 192 2.52 44.07 3.45
N VAL A 193 3.74 43.55 3.53
CA VAL A 193 4.12 42.28 2.90
C VAL A 193 5.22 41.58 3.68
N TRP A 194 5.09 40.27 3.87
CA TRP A 194 6.10 39.51 4.60
C TRP A 194 7.22 39.17 3.63
N GLN A 195 7.83 40.21 3.08
CA GLN A 195 8.92 40.09 2.10
C GLN A 195 10.18 40.73 2.63
N ILE A 196 11.32 40.13 2.32
CA ILE A 196 12.59 40.67 2.76
C ILE A 196 13.61 40.67 1.65
N GLN A 197 14.71 41.38 1.89
CA GLN A 197 15.77 41.46 0.92
C GLN A 197 16.65 40.23 1.04
N MET A 198 16.89 39.58 -0.11
CA MET A 198 17.74 38.40 -0.16
C MET A 198 19.02 38.83 -0.87
N LYS A 199 20.16 38.67 -0.21
CA LYS A 199 21.43 39.08 -0.77
C LYS A 199 22.12 38.10 -1.69
N GLY A 200 21.49 36.96 -1.97
CA GLY A 200 22.12 36.01 -2.88
C GLY A 200 21.73 34.57 -2.66
N VAL A 201 21.75 33.80 -3.75
CA VAL A 201 21.41 32.39 -3.72
C VAL A 201 22.56 31.62 -4.34
N SER A 202 23.07 30.63 -3.62
CA SER A 202 24.18 29.86 -4.14
C SER A 202 23.87 28.38 -4.25
N VAL A 203 24.49 27.76 -5.25
CA VAL A 203 24.34 26.34 -5.51
C VAL A 203 25.75 25.80 -5.44
N GLY A 204 26.05 25.11 -4.35
CA GLY A 204 27.40 24.58 -4.18
C GLY A 204 28.29 25.74 -3.78
N SER A 205 29.53 25.73 -4.25
CA SER A 205 30.46 26.81 -3.93
C SER A 205 30.64 27.76 -5.11
N SER A 206 29.68 28.67 -5.25
CA SER A 206 29.66 29.68 -6.32
C SER A 206 28.28 30.33 -6.38
N THR A 207 28.19 31.58 -5.93
CA THR A 207 26.93 32.33 -5.94
C THR A 207 26.52 32.63 -7.37
N LEU A 208 25.91 31.64 -8.04
CA LEU A 208 25.50 31.86 -9.41
C LEU A 208 24.12 32.50 -9.59
N LEU A 209 23.43 32.80 -8.49
CA LEU A 209 22.10 33.41 -8.60
C LEU A 209 21.84 34.61 -7.67
N CYS A 210 20.74 35.29 -7.93
CA CYS A 210 20.34 36.46 -7.16
C CYS A 210 21.52 37.33 -6.75
N GLU A 211 22.40 37.61 -7.70
CA GLU A 211 23.52 38.49 -7.39
C GLU A 211 22.88 39.87 -7.41
N ASP A 212 23.61 40.88 -6.94
CA ASP A 212 23.07 42.24 -6.95
C ASP A 212 21.81 42.36 -6.08
N GLY A 213 21.35 41.23 -5.56
CA GLY A 213 20.18 41.25 -4.70
C GLY A 213 18.89 40.82 -5.38
N CYS A 214 17.88 40.54 -4.58
CA CYS A 214 16.57 40.11 -5.07
C CYS A 214 15.62 40.06 -3.88
N LEU A 215 14.35 39.73 -4.15
CA LEU A 215 13.35 39.67 -3.08
C LEU A 215 13.00 38.24 -2.66
N ALA A 216 12.63 38.11 -1.38
CA ALA A 216 12.24 36.83 -0.83
C ALA A 216 10.95 36.98 -0.02
N LEU A 217 9.89 36.34 -0.49
CA LEU A 217 8.61 36.38 0.22
C LEU A 217 8.64 35.16 1.13
N VAL A 218 8.36 35.36 2.41
CA VAL A 218 8.35 34.22 3.33
C VAL A 218 6.87 33.82 3.44
N ASP A 219 6.53 32.83 2.63
CA ASP A 219 5.16 32.33 2.51
C ASP A 219 4.86 31.00 3.20
N THR A 220 4.16 31.06 4.33
CA THR A 220 3.81 29.84 5.06
C THR A 220 2.72 29.06 4.35
N GLY A 221 2.08 29.69 3.36
CA GLY A 221 1.00 29.03 2.65
C GLY A 221 1.43 28.43 1.34
N ALA A 222 2.73 28.37 1.09
CA ALA A 222 3.27 27.80 -0.13
C ALA A 222 4.02 26.51 0.18
N SER A 223 3.84 25.50 -0.67
CA SER A 223 4.49 24.22 -0.46
C SER A 223 5.98 24.23 -0.67
N TYR A 224 6.46 25.08 -1.55
CA TYR A 224 7.89 25.05 -1.86
C TYR A 224 8.66 26.36 -1.74
N ILE A 225 9.85 26.33 -2.30
CA ILE A 225 10.72 27.49 -2.39
C ILE A 225 10.63 27.74 -3.88
N SER A 226 10.30 28.96 -4.28
CA SER A 226 10.18 29.24 -5.71
C SER A 226 10.90 30.50 -6.15
N GLY A 227 11.19 30.56 -7.43
CA GLY A 227 11.85 31.71 -8.00
C GLY A 227 11.35 31.86 -9.43
N SER A 228 11.60 33.03 -10.01
CA SER A 228 11.19 33.33 -11.37
C SER A 228 11.57 32.15 -12.26
N THR A 229 10.85 31.97 -13.37
CA THR A 229 11.14 30.89 -14.28
C THR A 229 12.59 30.99 -14.76
N SER A 230 13.09 32.21 -14.92
CA SER A 230 14.46 32.41 -15.36
C SER A 230 15.44 31.87 -14.33
N SER A 231 15.31 32.34 -13.10
CA SER A 231 16.19 31.91 -12.01
C SER A 231 16.25 30.40 -11.89
N ILE A 232 15.08 29.77 -11.73
CA ILE A 232 15.02 28.32 -11.57
C ILE A 232 15.69 27.59 -12.72
N GLU A 233 15.43 28.06 -13.94
CA GLU A 233 16.03 27.46 -15.13
C GLU A 233 17.54 27.39 -14.94
N LYS A 234 18.10 28.46 -14.41
CA LYS A 234 19.53 28.51 -14.19
C LYS A 234 19.88 27.58 -13.04
N LEU A 235 19.16 27.71 -11.93
CA LEU A 235 19.40 26.87 -10.76
C LEU A 235 19.31 25.39 -11.09
N MET A 236 18.19 25.00 -11.68
CA MET A 236 17.96 23.60 -12.03
C MET A 236 18.96 23.07 -13.04
N GLU A 237 19.51 23.97 -13.85
CA GLU A 237 20.49 23.56 -14.84
C GLU A 237 21.70 23.03 -14.10
N ALA A 238 22.08 23.71 -13.02
CA ALA A 238 23.23 23.32 -12.22
C ALA A 238 23.01 22.00 -11.49
N LEU A 239 21.77 21.73 -11.10
CA LEU A 239 21.45 20.50 -10.39
C LEU A 239 21.27 19.32 -11.34
N GLY A 240 21.20 19.62 -12.65
CA GLY A 240 21.02 18.57 -13.64
C GLY A 240 19.62 18.02 -13.62
N ALA A 241 18.68 18.84 -13.18
CA ALA A 241 17.28 18.44 -13.10
C ALA A 241 16.51 18.65 -14.41
N LYS A 242 15.60 17.72 -14.71
CA LYS A 242 14.79 17.79 -15.92
C LYS A 242 13.51 18.54 -15.62
N LYS A 243 13.19 19.52 -16.45
CA LYS A 243 11.99 20.32 -16.27
C LYS A 243 10.77 19.57 -16.78
N ARG A 244 9.80 19.37 -15.89
CA ARG A 244 8.55 18.68 -16.22
C ARG A 244 7.47 19.74 -16.40
N LEU A 245 6.21 19.31 -16.32
CA LEU A 245 5.09 20.23 -16.49
C LEU A 245 4.93 21.18 -15.29
N PHE A 246 4.85 20.61 -14.08
CA PHE A 246 4.65 21.40 -12.87
C PHE A 246 5.83 21.36 -11.90
N ASP A 247 6.78 20.48 -12.15
CA ASP A 247 7.92 20.38 -11.25
C ASP A 247 9.18 20.02 -12.01
N TYR A 248 10.28 19.93 -11.28
CA TYR A 248 11.56 19.55 -11.85
C TYR A 248 11.94 18.24 -11.17
N VAL A 249 12.46 17.30 -11.93
CA VAL A 249 12.87 16.03 -11.34
C VAL A 249 14.34 15.80 -11.54
N VAL A 250 14.81 14.70 -10.98
CA VAL A 250 16.20 14.31 -11.05
C VAL A 250 16.10 12.81 -10.90
N LYS A 251 17.05 12.05 -11.43
CA LYS A 251 16.98 10.61 -11.28
C LYS A 251 17.25 10.31 -9.82
N CYS A 252 16.29 9.65 -9.17
CA CYS A 252 16.37 9.35 -7.73
C CYS A 252 17.72 8.92 -7.20
N ASN A 253 18.46 8.11 -7.96
CA ASN A 253 19.76 7.67 -7.48
C ASN A 253 20.72 8.86 -7.38
N GLU A 254 20.35 9.96 -8.01
CA GLU A 254 21.19 11.14 -8.01
C GLU A 254 20.79 12.14 -6.93
N GLY A 255 19.60 11.96 -6.36
CA GLY A 255 19.13 12.87 -5.32
C GLY A 255 20.07 13.13 -4.16
N PRO A 256 20.61 12.08 -3.53
CA PRO A 256 21.51 12.21 -2.39
C PRO A 256 22.81 12.97 -2.65
N THR A 257 23.28 12.98 -3.88
CA THR A 257 24.53 13.66 -4.19
C THR A 257 24.38 15.14 -4.51
N LEU A 258 23.18 15.56 -4.90
CA LEU A 258 22.92 16.96 -5.23
C LEU A 258 23.57 17.91 -4.21
N PRO A 259 24.11 19.04 -4.70
CA PRO A 259 24.76 20.07 -3.89
C PRO A 259 23.87 20.85 -2.95
N ASP A 260 24.50 21.57 -2.04
CA ASP A 260 23.78 22.39 -1.08
C ASP A 260 23.28 23.63 -1.81
N ILE A 261 22.21 24.22 -1.30
CA ILE A 261 21.68 25.43 -1.90
C ILE A 261 21.58 26.40 -0.73
N SER A 262 22.13 27.59 -0.89
CA SER A 262 22.09 28.57 0.18
C SER A 262 21.35 29.84 -0.19
N PHE A 263 20.84 30.51 0.83
CA PHE A 263 20.12 31.76 0.67
C PHE A 263 20.75 32.76 1.60
N HIS A 264 21.19 33.88 1.04
CA HIS A 264 21.81 34.92 1.83
C HIS A 264 20.74 35.87 2.35
N LEU A 265 20.38 35.71 3.63
CA LEU A 265 19.36 36.56 4.24
C LEU A 265 19.88 37.27 5.48
N GLY A 266 19.68 38.58 5.52
CA GLY A 266 20.11 39.39 6.64
C GLY A 266 21.51 39.15 7.15
N GLY A 267 22.42 38.78 6.26
CA GLY A 267 23.79 38.56 6.68
C GLY A 267 24.10 37.21 7.28
N LYS A 268 23.36 36.17 6.89
CA LYS A 268 23.58 34.82 7.37
C LYS A 268 23.17 33.87 6.25
N GLU A 269 23.96 32.84 6.02
CA GLU A 269 23.61 31.90 4.97
C GLU A 269 22.68 30.82 5.51
N TYR A 270 21.55 30.61 4.83
CA TYR A 270 20.60 29.58 5.24
C TYR A 270 20.72 28.46 4.23
N THR A 271 21.45 27.43 4.62
CA THR A 271 21.74 26.29 3.76
C THR A 271 20.81 25.09 3.83
N LEU A 272 20.38 24.64 2.65
CA LEU A 272 19.53 23.47 2.55
C LEU A 272 20.37 22.38 1.91
N THR A 273 20.16 21.16 2.36
CA THR A 273 20.87 20.00 1.87
C THR A 273 19.97 19.27 0.87
N SER A 274 20.54 18.38 0.07
CA SER A 274 19.71 17.65 -0.89
C SER A 274 18.53 17.05 -0.14
N ALA A 275 18.83 16.35 0.95
CA ALA A 275 17.81 15.73 1.78
C ALA A 275 16.71 16.71 2.14
N ASP A 276 17.06 18.00 2.21
CA ASP A 276 16.11 19.05 2.54
C ASP A 276 15.19 19.47 1.38
N TYR A 277 15.71 19.47 0.15
CA TYR A 277 14.89 19.89 -0.98
C TYR A 277 14.45 18.82 -1.96
N VAL A 278 14.96 17.60 -1.83
CA VAL A 278 14.54 16.55 -2.75
C VAL A 278 13.61 15.55 -2.07
N PHE A 279 12.55 15.14 -2.76
CA PHE A 279 11.63 14.16 -2.21
C PHE A 279 12.20 12.80 -2.53
N GLN A 280 13.22 12.41 -1.77
CA GLN A 280 13.89 11.14 -1.95
C GLN A 280 12.96 9.98 -1.62
N GLU A 281 12.18 9.54 -2.60
CA GLU A 281 11.23 8.45 -2.40
C GLU A 281 11.79 7.12 -2.86
N SER A 282 13.02 7.14 -3.35
CA SER A 282 13.65 5.93 -3.86
C SER A 282 15.11 6.23 -4.20
N TYR A 283 15.89 5.19 -4.45
CA TYR A 283 17.29 5.38 -4.79
C TYR A 283 17.49 4.83 -6.19
N SER A 284 16.40 4.32 -6.77
CA SER A 284 16.42 3.74 -8.10
C SER A 284 16.84 4.72 -9.17
N SER A 285 17.59 4.23 -10.15
CA SER A 285 18.05 5.05 -11.26
C SER A 285 17.03 4.93 -12.37
N LYS A 286 15.97 4.17 -12.11
CA LYS A 286 14.89 3.95 -13.07
C LYS A 286 13.64 4.71 -12.63
N LYS A 287 13.82 5.63 -11.68
CA LYS A 287 12.69 6.42 -11.19
C LYS A 287 13.03 7.88 -11.02
N LEU A 288 12.02 8.72 -11.19
CA LEU A 288 12.19 10.15 -11.07
C LEU A 288 11.82 10.62 -9.66
N CYS A 289 12.57 11.60 -9.18
CA CYS A 289 12.34 12.15 -7.86
C CYS A 289 12.15 13.66 -7.97
N THR A 290 11.03 14.15 -7.45
CA THR A 290 10.68 15.57 -7.50
C THR A 290 11.49 16.47 -6.57
N LEU A 291 11.69 17.72 -6.99
CA LEU A 291 12.40 18.67 -6.16
C LEU A 291 11.39 19.60 -5.48
N ALA A 292 11.63 19.90 -4.21
CA ALA A 292 10.75 20.77 -3.45
C ALA A 292 11.02 22.23 -3.76
N ILE A 293 11.57 22.49 -4.95
CA ILE A 293 11.83 23.85 -5.42
C ILE A 293 11.19 23.96 -6.78
N HIS A 294 10.33 24.96 -6.95
CA HIS A 294 9.68 25.12 -8.24
C HIS A 294 9.87 26.49 -8.86
N ALA A 295 9.41 26.60 -10.10
CA ALA A 295 9.47 27.85 -10.82
C ALA A 295 8.07 28.45 -10.64
N MET A 296 8.01 29.72 -10.24
CA MET A 296 6.74 30.40 -10.03
C MET A 296 6.97 31.90 -10.12
N ASP A 297 6.46 32.50 -11.19
CA ASP A 297 6.63 33.94 -11.38
C ASP A 297 5.53 34.73 -10.67
N ILE A 298 5.90 35.41 -9.60
CA ILE A 298 4.92 36.21 -8.88
C ILE A 298 4.85 37.57 -9.55
N PRO A 299 3.64 38.03 -9.89
CA PRO A 299 3.46 39.32 -10.55
C PRO A 299 3.49 40.52 -9.59
N PRO A 300 3.75 41.72 -10.13
CA PRO A 300 3.80 42.93 -9.32
C PRO A 300 2.47 43.14 -8.58
N PRO A 301 2.50 43.93 -7.50
CA PRO A 301 3.71 44.59 -6.98
C PRO A 301 4.66 43.64 -6.25
N THR A 302 4.10 42.65 -5.57
CA THR A 302 4.88 41.67 -4.81
C THR A 302 6.04 41.06 -5.58
N GLY A 303 5.80 40.70 -6.84
CA GLY A 303 6.87 40.11 -7.64
C GLY A 303 7.46 41.07 -8.66
N PRO A 304 8.51 40.66 -9.37
CA PRO A 304 9.17 39.34 -9.28
C PRO A 304 9.86 39.13 -7.93
N THR A 305 9.63 37.97 -7.33
CA THR A 305 10.22 37.66 -6.04
C THR A 305 10.39 36.16 -5.85
N TRP A 306 11.33 35.77 -5.00
CA TRP A 306 11.51 34.35 -4.69
C TRP A 306 10.51 34.13 -3.56
N ALA A 307 10.08 32.88 -3.37
CA ALA A 307 9.15 32.57 -2.28
C ALA A 307 9.75 31.48 -1.39
N LEU A 308 9.79 31.73 -0.09
CA LEU A 308 10.31 30.75 0.84
C LEU A 308 9.13 30.08 1.54
N GLY A 309 8.76 28.91 1.04
CA GLY A 309 7.65 28.18 1.60
C GLY A 309 8.04 27.08 2.58
N ALA A 310 7.23 26.04 2.64
CA ALA A 310 7.43 24.91 3.53
C ALA A 310 8.79 24.23 3.41
N THR A 311 9.37 24.21 2.22
CA THR A 311 10.66 23.57 2.06
C THR A 311 11.70 24.26 2.92
N PHE A 312 11.53 25.57 3.11
CA PHE A 312 12.44 26.39 3.89
C PHE A 312 12.09 26.39 5.38
N ILE A 313 10.81 26.58 5.68
CA ILE A 313 10.36 26.63 7.04
C ILE A 313 10.50 25.30 7.79
N ARG A 314 10.59 24.20 7.05
CA ARG A 314 10.75 22.89 7.69
C ARG A 314 12.06 22.90 8.43
N LYS A 315 13.06 23.56 7.83
CA LYS A 315 14.37 23.61 8.43
C LYS A 315 14.58 24.78 9.37
N PHE A 316 13.94 25.90 9.08
CA PHE A 316 14.11 27.06 9.94
C PHE A 316 12.83 27.55 10.58
N TYR A 317 12.79 27.48 11.91
CA TYR A 317 11.64 27.94 12.68
C TYR A 317 11.50 29.41 12.32
N THR A 318 10.27 29.84 12.04
CA THR A 318 10.05 31.22 11.63
C THR A 318 9.09 32.01 12.51
N GLU A 319 9.53 33.20 12.87
CA GLU A 319 8.74 34.11 13.69
C GLU A 319 8.42 35.34 12.86
N PHE A 320 7.16 35.75 12.88
CA PHE A 320 6.74 36.93 12.15
C PHE A 320 6.46 38.02 13.17
N ASP A 321 7.19 39.11 13.06
CA ASP A 321 7.09 40.22 14.01
C ASP A 321 6.39 41.45 13.46
N ARG A 322 5.14 41.65 13.85
CA ARG A 322 4.37 42.82 13.42
C ARG A 322 4.85 44.06 14.14
N ARG A 323 5.16 43.88 15.42
CA ARG A 323 5.63 44.98 16.27
C ARG A 323 6.84 45.71 15.72
N ASN A 324 7.83 44.96 15.24
CA ASN A 324 9.04 45.56 14.70
C ASN A 324 9.21 45.41 13.20
N ASN A 325 8.19 44.87 12.53
CA ASN A 325 8.24 44.66 11.08
C ASN A 325 9.49 43.90 10.63
N ARG A 326 9.70 42.73 11.22
CA ARG A 326 10.86 41.90 10.89
C ARG A 326 10.47 40.44 10.91
N ILE A 327 11.31 39.62 10.26
CA ILE A 327 11.10 38.18 10.22
C ILE A 327 12.30 37.56 10.92
N GLY A 328 12.06 36.51 11.69
CA GLY A 328 13.15 35.85 12.39
C GLY A 328 13.28 34.37 12.08
N PHE A 329 14.51 33.92 11.94
CA PHE A 329 14.76 32.51 11.65
C PHE A 329 15.65 31.92 12.72
N ALA A 330 15.50 30.63 12.94
CA ALA A 330 16.30 29.91 13.92
C ALA A 330 16.24 28.44 13.54
N LEU A 331 17.31 27.70 13.83
CA LEU A 331 17.36 26.29 13.49
C LEU A 331 16.18 25.54 14.15
N ALA A 332 15.31 24.97 13.34
CA ALA A 332 14.16 24.24 13.85
C ALA A 332 14.60 23.00 14.63
N ARG A 333 14.04 22.83 15.82
CA ARG A 333 14.37 21.71 16.69
C ARG A 333 13.26 20.66 16.62
N SER B 1 -20.89 -27.74 -5.57
CA SER B 1 -20.48 -26.69 -4.65
C SER B 1 -19.11 -26.17 -5.00
N SER B 2 -18.96 -24.85 -5.03
CA SER B 2 -17.68 -24.28 -5.36
C SER B 2 -17.22 -23.28 -4.32
N VAL B 3 -15.90 -23.18 -4.16
CA VAL B 3 -15.34 -22.21 -3.25
C VAL B 3 -14.20 -21.53 -4.00
N ILE B 4 -14.28 -20.21 -4.05
CA ILE B 4 -13.29 -19.40 -4.73
C ILE B 4 -12.00 -19.36 -3.94
N LEU B 5 -10.88 -19.54 -4.62
CA LEU B 5 -9.58 -19.56 -3.95
C LEU B 5 -8.75 -18.32 -4.22
N THR B 6 -7.90 -17.99 -3.25
CA THR B 6 -7.00 -16.86 -3.34
C THR B 6 -5.64 -17.40 -3.75
N ASN B 7 -5.00 -16.73 -4.71
CA ASN B 7 -3.68 -17.15 -5.18
C ASN B 7 -2.61 -16.26 -4.57
N TYR B 8 -1.72 -16.87 -3.81
CA TYR B 8 -0.63 -16.13 -3.19
C TYR B 8 0.72 -16.48 -3.82
N MET B 9 1.26 -15.55 -4.61
CA MET B 9 2.56 -15.74 -5.26
C MET B 9 2.71 -17.05 -6.03
N ASP B 10 1.60 -17.64 -6.46
CA ASP B 10 1.63 -18.90 -7.20
C ASP B 10 2.11 -20.09 -6.38
N THR B 11 2.46 -19.88 -5.11
CA THR B 11 2.93 -20.99 -4.29
C THR B 11 1.94 -21.42 -3.22
N GLN B 12 0.84 -20.68 -3.08
CA GLN B 12 -0.17 -21.02 -2.10
C GLN B 12 -1.57 -20.71 -2.63
N TYR B 13 -2.46 -21.68 -2.55
CA TYR B 13 -3.84 -21.52 -3.00
C TYR B 13 -4.73 -21.94 -1.86
N TYR B 14 -5.70 -21.10 -1.51
CA TYR B 14 -6.59 -21.41 -0.40
C TYR B 14 -7.91 -20.67 -0.45
N GLY B 15 -8.93 -21.25 0.17
CA GLY B 15 -10.24 -20.64 0.19
C GLY B 15 -10.83 -20.72 1.59
N GLU B 16 -12.09 -20.33 1.74
CA GLU B 16 -12.73 -20.35 3.05
C GLU B 16 -13.73 -21.47 3.27
N ILE B 17 -13.79 -21.92 4.53
CA ILE B 17 -14.73 -22.94 4.96
C ILE B 17 -15.18 -22.44 6.34
N GLY B 18 -16.34 -22.89 6.78
CA GLY B 18 -16.82 -22.47 8.08
C GLY B 18 -16.94 -23.66 9.02
N ILE B 19 -16.61 -23.45 10.28
CA ILE B 19 -16.69 -24.53 11.27
C ILE B 19 -17.47 -24.07 12.49
N GLY B 20 -18.46 -24.88 12.89
CA GLY B 20 -19.25 -24.55 14.07
C GLY B 20 -20.48 -23.69 13.83
N THR B 21 -21.27 -23.55 14.89
CA THR B 21 -22.48 -22.74 14.86
C THR B 21 -22.38 -21.73 16.00
N PRO B 22 -22.26 -20.44 15.65
CA PRO B 22 -22.21 -19.97 14.27
C PRO B 22 -20.87 -20.30 13.64
N PRO B 23 -20.82 -20.30 12.31
CA PRO B 23 -19.60 -20.62 11.57
C PRO B 23 -18.42 -19.67 11.79
N GLN B 24 -17.24 -20.26 12.02
CA GLN B 24 -16.01 -19.50 12.19
C GLN B 24 -15.22 -19.70 10.88
N THR B 25 -14.88 -18.60 10.23
CA THR B 25 -14.19 -18.63 8.94
C THR B 25 -12.68 -18.86 8.96
N PHE B 26 -12.24 -19.85 8.20
CA PHE B 26 -10.82 -20.21 8.11
C PHE B 26 -10.34 -20.31 6.66
N LYS B 27 -9.09 -19.94 6.43
CA LYS B 27 -8.49 -20.03 5.10
C LYS B 27 -7.80 -21.38 5.04
N VAL B 28 -8.25 -22.24 4.14
CA VAL B 28 -7.63 -23.57 4.04
C VAL B 28 -7.19 -23.90 2.64
N VAL B 29 -6.22 -24.81 2.55
CA VAL B 29 -5.73 -25.27 1.28
C VAL B 29 -6.46 -26.58 1.06
N PHE B 30 -7.00 -26.79 -0.13
CA PHE B 30 -7.66 -28.03 -0.40
C PHE B 30 -6.57 -28.91 -1.00
N ASP B 31 -6.16 -29.89 -0.19
CA ASP B 31 -5.07 -30.82 -0.45
C ASP B 31 -5.40 -32.26 -0.84
N THR B 32 -5.18 -32.64 -2.10
CA THR B 32 -5.45 -34.01 -2.52
C THR B 32 -4.28 -34.90 -2.12
N GLY B 33 -3.25 -34.28 -1.56
CA GLY B 33 -2.08 -35.01 -1.10
C GLY B 33 -2.16 -35.42 0.38
N SER B 34 -3.34 -35.28 0.98
CA SER B 34 -3.58 -35.66 2.36
C SER B 34 -5.07 -35.95 2.55
N SER B 35 -5.44 -36.54 3.69
CA SER B 35 -6.83 -36.91 3.95
C SER B 35 -7.44 -36.36 5.24
N ASN B 36 -6.73 -35.48 5.93
CA ASN B 36 -7.28 -34.95 7.17
C ASN B 36 -7.59 -33.47 7.10
N VAL B 37 -8.58 -33.06 7.88
CA VAL B 37 -8.97 -31.66 7.97
C VAL B 37 -8.50 -31.17 9.33
N TRP B 38 -7.87 -30.00 9.35
CA TRP B 38 -7.38 -29.43 10.60
C TRP B 38 -7.25 -27.92 10.53
N VAL B 39 -7.38 -27.27 11.69
CA VAL B 39 -7.26 -25.83 11.79
C VAL B 39 -6.60 -25.55 13.12
N PRO B 40 -6.06 -24.34 13.31
CA PRO B 40 -5.40 -24.02 14.58
C PRO B 40 -6.46 -23.88 15.67
N SER B 41 -6.22 -24.50 16.83
CA SER B 41 -7.17 -24.42 17.94
C SER B 41 -6.90 -23.20 18.83
N SER B 42 -7.92 -22.74 19.54
CA SER B 42 -7.77 -21.61 20.45
C SER B 42 -6.95 -22.10 21.63
N LYS B 43 -6.91 -23.42 21.80
CA LYS B 43 -6.16 -24.04 22.88
C LYS B 43 -4.71 -24.22 22.46
N CYS B 44 -4.26 -23.39 21.53
CA CYS B 44 -2.87 -23.44 21.06
C CYS B 44 -2.08 -22.30 21.71
N SER B 45 -1.12 -22.67 22.56
CA SER B 45 -0.27 -21.70 23.25
C SER B 45 0.19 -20.56 22.35
N ARG B 46 0.35 -19.39 22.94
CA ARG B 46 0.82 -18.22 22.19
C ARG B 46 2.32 -18.29 21.97
N LEU B 47 2.95 -19.32 22.52
CA LEU B 47 4.39 -19.52 22.36
C LEU B 47 4.67 -19.71 20.88
N TYR B 48 3.90 -20.60 20.26
CA TYR B 48 4.05 -20.87 18.84
C TYR B 48 3.66 -19.62 18.07
N THR B 49 4.65 -18.83 17.70
CA THR B 49 4.40 -17.60 16.96
C THR B 49 3.40 -17.85 15.83
N ALA B 50 3.36 -19.08 15.34
CA ALA B 50 2.46 -19.45 14.26
C ALA B 50 0.99 -19.26 14.66
N CYS B 51 0.61 -19.72 15.84
CA CYS B 51 -0.77 -19.59 16.29
C CYS B 51 -1.19 -18.13 16.53
N VAL B 52 -0.27 -17.30 16.98
CA VAL B 52 -0.59 -15.91 17.25
C VAL B 52 -0.96 -15.15 15.99
N TYR B 53 -0.44 -15.60 14.85
CA TYR B 53 -0.71 -14.96 13.57
C TYR B 53 -1.74 -15.68 12.69
N HIS B 54 -2.41 -16.66 13.25
CA HIS B 54 -3.42 -17.41 12.49
C HIS B 54 -4.74 -17.52 13.25
N LYS B 55 -5.83 -17.55 12.51
CA LYS B 55 -7.14 -17.66 13.12
C LYS B 55 -7.25 -18.96 13.91
N LEU B 56 -7.96 -18.91 15.03
CA LEU B 56 -8.12 -20.07 15.89
C LEU B 56 -9.57 -20.50 16.03
N PHE B 57 -9.79 -21.77 16.32
CA PHE B 57 -11.13 -22.30 16.49
C PHE B 57 -11.46 -22.43 17.97
N ASP B 58 -12.44 -21.65 18.40
CA ASP B 58 -12.87 -21.66 19.79
C ASP B 58 -14.08 -22.55 19.91
N ALA B 59 -13.89 -23.75 20.44
CA ALA B 59 -14.98 -24.71 20.60
C ALA B 59 -16.08 -24.23 21.55
N SER B 60 -15.69 -23.43 22.55
CA SER B 60 -16.65 -22.93 23.52
C SER B 60 -17.59 -21.91 22.90
N ASP B 61 -17.48 -21.72 21.59
CA ASP B 61 -18.33 -20.75 20.89
C ASP B 61 -19.23 -21.41 19.86
N SER B 62 -19.32 -22.74 19.88
CA SER B 62 -20.16 -23.41 18.91
C SER B 62 -21.17 -24.36 19.55
N SER B 63 -22.45 -24.06 19.32
CA SER B 63 -23.53 -24.87 19.86
C SER B 63 -23.54 -26.26 19.24
N SER B 64 -22.70 -26.47 18.22
CA SER B 64 -22.64 -27.75 17.54
C SER B 64 -21.32 -28.50 17.72
N TYR B 65 -20.39 -27.93 18.48
CA TYR B 65 -19.12 -28.60 18.73
C TYR B 65 -19.36 -29.85 19.56
N LYS B 66 -18.56 -30.89 19.34
CA LYS B 66 -18.73 -32.13 20.06
C LYS B 66 -17.38 -32.74 20.39
N HIS B 67 -16.99 -32.67 21.65
CA HIS B 67 -15.72 -33.19 22.13
C HIS B 67 -15.38 -34.62 21.71
N ASN B 68 -14.07 -34.87 21.61
CA ASN B 68 -13.49 -36.16 21.25
C ASN B 68 -12.00 -35.87 21.17
N GLY B 69 -11.39 -35.66 22.33
CA GLY B 69 -9.99 -35.31 22.40
C GLY B 69 -8.90 -36.24 21.88
N THR B 70 -9.26 -37.20 21.04
CA THR B 70 -8.24 -38.12 20.51
C THR B 70 -7.08 -37.33 19.90
N GLU B 71 -5.88 -37.65 20.37
CA GLU B 71 -4.65 -36.97 19.94
C GLU B 71 -4.16 -37.42 18.55
N LEU B 72 -3.52 -36.51 17.82
CA LEU B 72 -2.99 -36.83 16.49
C LEU B 72 -1.87 -35.90 15.98
N THR B 73 -1.11 -36.40 15.03
CA THR B 73 -0.01 -35.65 14.41
C THR B 73 -0.03 -35.85 12.91
N LEU B 74 0.08 -34.74 12.17
CA LEU B 74 0.06 -34.78 10.72
C LEU B 74 1.44 -34.35 10.20
N ARG B 75 2.01 -35.19 9.33
CA ARG B 75 3.33 -34.91 8.77
C ARG B 75 3.30 -34.70 7.26
N TYR B 76 3.76 -33.54 6.83
CA TYR B 76 3.79 -33.22 5.42
C TYR B 76 5.21 -33.22 4.91
N SER B 77 5.35 -33.01 3.60
CA SER B 77 6.65 -32.96 2.96
C SER B 77 7.49 -31.88 3.63
N THR B 78 6.80 -30.85 4.12
CA THR B 78 7.48 -29.74 4.74
C THR B 78 7.40 -29.73 6.27
N GLY B 79 6.31 -29.18 6.81
CA GLY B 79 6.15 -29.11 8.25
C GLY B 79 5.28 -30.18 8.86
N THR B 80 5.14 -30.15 10.18
CA THR B 80 4.35 -31.12 10.93
C THR B 80 3.56 -30.45 12.04
N VAL B 81 2.28 -30.81 12.16
CA VAL B 81 1.43 -30.25 13.20
C VAL B 81 0.81 -31.35 14.05
N SER B 82 0.38 -30.97 15.26
CA SER B 82 -0.22 -31.90 16.20
C SER B 82 -1.41 -31.25 16.91
N GLY B 83 -2.29 -32.08 17.45
CA GLY B 83 -3.47 -31.56 18.14
C GLY B 83 -4.43 -32.66 18.50
N PHE B 84 -5.68 -32.32 18.74
CA PHE B 84 -6.68 -33.32 19.11
C PHE B 84 -7.90 -33.31 18.22
N LEU B 85 -8.54 -34.48 18.10
CA LEU B 85 -9.73 -34.62 17.27
C LEU B 85 -10.90 -33.82 17.85
N SER B 86 -11.87 -33.51 16.99
CA SER B 86 -13.06 -32.76 17.36
C SER B 86 -14.10 -32.96 16.26
N GLN B 87 -15.36 -32.73 16.60
CA GLN B 87 -16.43 -32.85 15.61
C GLN B 87 -17.32 -31.61 15.59
N ASP B 88 -17.74 -31.23 14.40
CA ASP B 88 -18.60 -30.06 14.25
C ASP B 88 -19.04 -29.95 12.79
N ILE B 89 -20.05 -29.13 12.51
CA ILE B 89 -20.51 -28.98 11.13
C ILE B 89 -19.61 -28.01 10.40
N ILE B 90 -19.22 -28.38 9.18
CA ILE B 90 -18.36 -27.54 8.36
C ILE B 90 -19.11 -27.00 7.14
N THR B 91 -18.93 -25.71 6.88
CA THR B 91 -19.59 -25.07 5.76
C THR B 91 -18.58 -24.95 4.61
N VAL B 92 -18.82 -25.69 3.53
CA VAL B 92 -17.94 -25.64 2.37
C VAL B 92 -18.75 -25.10 1.21
N GLY B 93 -18.64 -23.79 1.00
CA GLY B 93 -19.35 -23.12 -0.07
C GLY B 93 -20.77 -23.62 -0.35
N GLY B 94 -21.70 -23.36 0.54
CA GLY B 94 -23.06 -23.82 0.28
C GLY B 94 -23.41 -25.17 0.88
N ILE B 95 -22.40 -25.99 1.13
CA ILE B 95 -22.64 -27.31 1.72
C ILE B 95 -22.21 -27.35 3.18
N THR B 96 -23.04 -27.98 4.01
CA THR B 96 -22.72 -28.13 5.44
C THR B 96 -22.71 -29.62 5.74
N VAL B 97 -21.57 -30.10 6.24
CA VAL B 97 -21.41 -31.50 6.57
C VAL B 97 -20.75 -31.67 7.94
N THR B 98 -21.31 -32.57 8.76
CA THR B 98 -20.76 -32.82 10.07
C THR B 98 -19.44 -33.55 9.87
N GLN B 99 -18.35 -32.94 10.34
CA GLN B 99 -17.02 -33.50 10.13
C GLN B 99 -16.08 -33.59 11.34
N MET B 100 -15.35 -34.70 11.41
CA MET B 100 -14.36 -34.90 12.46
C MET B 100 -13.07 -34.27 11.98
N PHE B 101 -12.68 -33.15 12.60
CA PHE B 101 -11.46 -32.49 12.18
C PHE B 101 -10.49 -32.39 13.35
N GLY B 102 -9.31 -31.86 13.08
CA GLY B 102 -8.33 -31.74 14.13
C GLY B 102 -8.06 -30.32 14.59
N GLU B 103 -7.90 -30.17 15.89
CA GLU B 103 -7.59 -28.88 16.49
C GLU B 103 -6.09 -28.95 16.74
N VAL B 104 -5.34 -28.18 15.97
CA VAL B 104 -3.89 -28.15 16.10
C VAL B 104 -3.42 -27.23 17.20
N THR B 105 -2.59 -27.78 18.08
CA THR B 105 -2.04 -27.01 19.19
C THR B 105 -0.56 -26.74 18.92
N GLU B 106 0.12 -27.69 18.27
CA GLU B 106 1.52 -27.52 17.94
C GLU B 106 1.61 -27.06 16.49
N MET B 107 2.16 -25.87 16.28
CA MET B 107 2.28 -25.31 14.94
C MET B 107 3.64 -24.65 14.73
N PRO B 108 4.63 -25.44 14.28
CA PRO B 108 6.02 -25.03 14.02
C PRO B 108 6.13 -23.73 13.26
N ALA B 109 6.87 -22.77 13.82
CA ALA B 109 7.06 -21.49 13.15
C ALA B 109 7.44 -21.81 11.71
N LEU B 110 8.20 -22.88 11.54
CA LEU B 110 8.61 -23.32 10.21
C LEU B 110 7.78 -24.52 9.76
N PRO B 111 7.06 -24.38 8.65
CA PRO B 111 7.02 -23.14 7.86
C PRO B 111 5.68 -22.44 7.95
N PHE B 112 4.90 -22.72 8.99
CA PHE B 112 3.59 -22.13 9.11
C PHE B 112 3.54 -20.63 9.38
N MET B 113 4.70 -20.03 9.63
CA MET B 113 4.78 -18.59 9.85
C MET B 113 4.72 -17.91 8.47
N LEU B 114 4.84 -18.74 7.43
CA LEU B 114 4.82 -18.26 6.05
C LEU B 114 3.47 -18.56 5.42
N ALA B 115 2.78 -19.54 5.98
CA ALA B 115 1.49 -19.96 5.48
C ALA B 115 0.47 -18.85 5.52
N GLU B 116 -0.10 -18.51 4.38
CA GLU B 116 -1.11 -17.47 4.33
C GLU B 116 -2.42 -18.12 4.74
N PHE B 117 -2.46 -19.45 4.64
CA PHE B 117 -3.65 -20.21 5.00
C PHE B 117 -3.60 -20.54 6.49
N ASP B 118 -4.75 -20.94 7.02
CA ASP B 118 -4.91 -21.30 8.43
C ASP B 118 -4.77 -22.80 8.61
N GLY B 119 -5.56 -23.55 7.84
CA GLY B 119 -5.52 -24.99 7.95
C GLY B 119 -5.55 -25.73 6.62
N VAL B 120 -5.82 -27.03 6.70
CA VAL B 120 -5.87 -27.88 5.51
C VAL B 120 -7.10 -28.79 5.47
N VAL B 121 -7.66 -28.96 4.28
CA VAL B 121 -8.81 -29.83 4.11
C VAL B 121 -8.33 -30.92 3.17
N GLY B 122 -8.18 -32.13 3.72
CA GLY B 122 -7.68 -33.26 2.95
C GLY B 122 -8.67 -33.85 1.96
N MET B 123 -8.28 -33.87 0.70
CA MET B 123 -9.12 -34.42 -0.35
C MET B 123 -8.62 -35.81 -0.74
N GLY B 124 -7.78 -36.41 0.11
CA GLY B 124 -7.25 -37.74 -0.15
C GLY B 124 -8.20 -38.84 0.32
N PHE B 125 -7.81 -40.09 0.09
CA PHE B 125 -8.62 -41.23 0.47
C PHE B 125 -8.51 -41.55 1.95
N ILE B 126 -9.49 -42.25 2.48
CA ILE B 126 -9.51 -42.61 3.89
C ILE B 126 -8.32 -43.48 4.29
N GLU B 127 -7.75 -44.20 3.33
CA GLU B 127 -6.61 -45.06 3.61
C GLU B 127 -5.40 -44.26 4.08
N GLN B 128 -5.22 -43.06 3.53
CA GLN B 128 -4.10 -42.21 3.91
C GLN B 128 -4.48 -41.36 5.11
N ALA B 129 -5.76 -41.37 5.46
CA ALA B 129 -6.26 -40.58 6.58
C ALA B 129 -5.71 -41.07 7.91
N ILE B 130 -5.05 -40.17 8.62
CA ILE B 130 -4.47 -40.49 9.91
C ILE B 130 -5.51 -40.51 11.02
N GLY B 131 -5.60 -41.65 11.71
CA GLY B 131 -6.56 -41.79 12.79
C GLY B 131 -7.87 -42.39 12.32
N ARG B 132 -7.84 -43.02 11.15
CA ARG B 132 -9.02 -43.65 10.56
C ARG B 132 -10.21 -42.68 10.46
N VAL B 133 -9.92 -41.39 10.49
CA VAL B 133 -10.98 -40.38 10.42
C VAL B 133 -11.53 -40.27 9.01
N THR B 134 -12.86 -40.35 8.88
CA THR B 134 -13.52 -40.25 7.58
C THR B 134 -13.27 -38.88 6.94
N PRO B 135 -12.65 -38.87 5.75
CA PRO B 135 -12.33 -37.66 4.99
C PRO B 135 -13.55 -36.78 4.72
N ILE B 136 -13.35 -35.46 4.73
CA ILE B 136 -14.46 -34.53 4.50
C ILE B 136 -15.26 -34.87 3.26
N PHE B 137 -14.61 -35.29 2.17
CA PHE B 137 -15.32 -35.60 0.94
C PHE B 137 -16.18 -36.86 1.02
N ASP B 138 -15.70 -37.89 1.71
CA ASP B 138 -16.46 -39.12 1.86
C ASP B 138 -17.78 -38.81 2.57
N ASN B 139 -17.69 -38.03 3.64
CA ASN B 139 -18.88 -37.67 4.39
C ASN B 139 -19.86 -36.94 3.49
N ILE B 140 -19.36 -35.98 2.73
CA ILE B 140 -20.20 -35.20 1.83
C ILE B 140 -20.87 -36.11 0.79
N ILE B 141 -20.13 -37.10 0.29
CA ILE B 141 -20.71 -38.02 -0.69
C ILE B 141 -21.89 -38.71 0.00
N SER B 142 -21.67 -39.10 1.25
CA SER B 142 -22.67 -39.79 2.04
C SER B 142 -24.04 -39.12 2.07
N GLN B 143 -24.08 -37.80 1.99
CA GLN B 143 -25.38 -37.14 2.01
C GLN B 143 -26.07 -37.14 0.65
N GLY B 144 -25.40 -37.76 -0.33
CA GLY B 144 -25.97 -37.86 -1.66
C GLY B 144 -26.69 -36.63 -2.16
N VAL B 145 -25.95 -35.55 -2.38
CA VAL B 145 -26.54 -34.31 -2.91
C VAL B 145 -25.78 -33.88 -4.15
N LEU B 146 -24.54 -34.36 -4.27
CA LEU B 146 -23.67 -34.03 -5.40
C LEU B 146 -24.09 -34.69 -6.71
N LYS B 147 -23.97 -33.95 -7.81
CA LYS B 147 -24.32 -34.48 -9.13
C LYS B 147 -23.45 -35.69 -9.50
N GLU B 148 -22.15 -35.61 -9.19
CA GLU B 148 -21.24 -36.71 -9.50
C GLU B 148 -20.19 -36.82 -8.39
N ASP B 149 -19.69 -38.02 -8.16
CA ASP B 149 -18.67 -38.21 -7.13
C ASP B 149 -17.29 -37.77 -7.59
N VAL B 150 -17.15 -36.48 -7.84
CA VAL B 150 -15.88 -35.92 -8.28
C VAL B 150 -15.76 -34.48 -7.81
N PHE B 151 -14.53 -33.98 -7.79
CA PHE B 151 -14.29 -32.59 -7.44
C PHE B 151 -13.19 -32.07 -8.35
N SER B 152 -13.22 -30.77 -8.61
CA SER B 152 -12.25 -30.17 -9.51
C SER B 152 -11.43 -29.01 -8.98
N PHE B 153 -10.20 -28.92 -9.48
CA PHE B 153 -9.30 -27.86 -9.11
C PHE B 153 -8.95 -26.93 -10.27
N TYR B 154 -8.89 -25.64 -9.95
CA TYR B 154 -8.51 -24.63 -10.92
C TYR B 154 -7.58 -23.66 -10.21
N TYR B 155 -6.32 -23.61 -10.65
CA TYR B 155 -5.36 -22.69 -10.07
C TYR B 155 -5.02 -21.69 -11.17
N ASN B 156 -5.11 -20.40 -10.84
CA ASN B 156 -4.82 -19.32 -11.78
C ASN B 156 -3.36 -18.94 -11.67
N ARG B 157 -2.91 -18.08 -12.59
CA ARG B 157 -1.55 -17.59 -12.62
C ARG B 157 -1.62 -16.17 -12.04
N ASP B 158 -0.68 -15.83 -11.18
CA ASP B 158 -0.68 -14.52 -10.54
C ASP B 158 -0.50 -13.33 -11.49
N SER B 159 -1.14 -12.22 -11.12
CA SER B 159 -1.09 -10.98 -11.90
C SER B 159 -1.01 -9.79 -10.96
N GLU B 160 -0.06 -8.90 -11.22
CA GLU B 160 0.13 -7.70 -10.41
C GLU B 160 -0.91 -6.63 -10.75
N ASN B 161 -1.50 -6.73 -11.94
CA ASN B 161 -2.49 -5.75 -12.38
C ASN B 161 -3.91 -6.28 -12.61
N SER B 162 -4.35 -7.20 -11.76
CA SER B 162 -5.70 -7.75 -11.89
C SER B 162 -6.17 -8.46 -10.62
N GLN B 163 -7.29 -8.00 -10.09
CA GLN B 163 -7.88 -8.58 -8.90
C GLN B 163 -8.74 -9.73 -9.42
N SER B 164 -8.09 -10.65 -10.12
CA SER B 164 -8.74 -11.79 -10.73
C SER B 164 -8.94 -12.95 -9.77
N LEU B 165 -9.77 -13.90 -10.20
CA LEU B 165 -10.06 -15.10 -9.44
C LEU B 165 -8.73 -15.79 -9.16
N GLY B 166 -8.47 -16.11 -7.91
CA GLY B 166 -7.23 -16.77 -7.56
C GLY B 166 -7.23 -18.23 -7.98
N GLY B 167 -8.41 -18.84 -7.91
CA GLY B 167 -8.56 -20.23 -8.28
C GLY B 167 -9.96 -20.68 -7.88
N GLN B 168 -10.29 -21.93 -8.14
CA GLN B 168 -11.62 -22.42 -7.78
C GLN B 168 -11.68 -23.93 -7.67
N ILE B 169 -12.30 -24.41 -6.61
CA ILE B 169 -12.48 -25.84 -6.43
C ILE B 169 -13.98 -26.11 -6.50
N VAL B 170 -14.36 -27.10 -7.30
CA VAL B 170 -15.76 -27.47 -7.45
C VAL B 170 -15.99 -28.89 -6.97
N LEU B 171 -16.91 -29.04 -6.03
CA LEU B 171 -17.25 -30.34 -5.47
C LEU B 171 -18.51 -30.86 -6.19
N GLY B 172 -18.45 -32.09 -6.68
CA GLY B 172 -19.60 -32.66 -7.36
C GLY B 172 -19.61 -32.39 -8.83
N GLY B 173 -18.52 -31.83 -9.36
CA GLY B 173 -18.50 -31.56 -10.77
C GLY B 173 -17.28 -30.82 -11.23
N SER B 174 -17.41 -30.10 -12.35
CA SER B 174 -16.32 -29.33 -12.93
C SER B 174 -16.88 -28.10 -13.61
N ASP B 175 -16.07 -27.04 -13.75
CA ASP B 175 -16.53 -25.80 -14.38
C ASP B 175 -15.90 -25.50 -15.76
N PRO B 176 -16.69 -25.62 -16.82
CA PRO B 176 -16.31 -25.39 -18.22
C PRO B 176 -15.71 -24.01 -18.51
N GLN B 177 -16.09 -23.03 -17.73
CA GLN B 177 -15.56 -21.69 -17.92
C GLN B 177 -14.04 -21.66 -17.74
N HIS B 178 -13.50 -22.66 -17.05
CA HIS B 178 -12.07 -22.68 -16.78
C HIS B 178 -11.18 -23.72 -17.42
N TYR B 179 -11.69 -24.36 -18.47
CA TYR B 179 -10.91 -25.33 -19.20
C TYR B 179 -11.55 -25.42 -20.57
N GLU B 180 -10.75 -25.72 -21.57
CA GLU B 180 -11.25 -25.86 -22.93
C GLU B 180 -11.08 -27.30 -23.39
N GLY B 181 -11.89 -27.70 -24.37
CA GLY B 181 -11.80 -29.05 -24.87
C GLY B 181 -12.48 -30.03 -23.94
N ASN B 182 -12.09 -31.31 -24.05
CA ASN B 182 -12.67 -32.36 -23.22
C ASN B 182 -11.59 -33.02 -22.39
N PHE B 183 -12.00 -33.54 -21.24
CA PHE B 183 -11.08 -34.21 -20.35
C PHE B 183 -10.62 -35.53 -20.95
N HIS B 184 -9.45 -35.97 -20.49
CA HIS B 184 -8.90 -37.26 -20.84
C HIS B 184 -8.46 -37.76 -19.47
N TYR B 185 -8.86 -38.98 -19.11
CA TYR B 185 -8.53 -39.49 -17.80
C TYR B 185 -7.39 -40.49 -17.75
N ILE B 186 -6.77 -40.57 -16.57
CA ILE B 186 -5.70 -41.52 -16.31
C ILE B 186 -6.15 -42.25 -15.06
N ASN B 187 -6.30 -43.57 -15.14
CA ASN B 187 -6.73 -44.34 -13.99
C ASN B 187 -5.64 -44.41 -12.93
N LEU B 188 -6.06 -44.52 -11.67
CA LEU B 188 -5.13 -44.61 -10.55
C LEU B 188 -4.46 -45.98 -10.55
N ILE B 189 -3.28 -46.06 -9.95
CA ILE B 189 -2.55 -47.32 -9.85
C ILE B 189 -3.34 -48.19 -8.87
N LYS B 190 -3.94 -47.55 -7.88
CA LYS B 190 -4.72 -48.25 -6.90
C LYS B 190 -5.50 -47.26 -6.05
N THR B 191 -6.69 -47.65 -5.63
CA THR B 191 -7.51 -46.79 -4.78
C THR B 191 -6.71 -46.41 -3.55
N GLY B 192 -7.09 -45.31 -2.91
CA GLY B 192 -6.39 -44.88 -1.71
C GLY B 192 -5.37 -43.79 -1.89
N VAL B 193 -4.86 -43.60 -3.11
CA VAL B 193 -3.85 -42.56 -3.36
C VAL B 193 -4.03 -41.91 -4.71
N TRP B 194 -4.16 -40.59 -4.73
CA TRP B 194 -4.30 -39.88 -6.00
C TRP B 194 -2.95 -39.94 -6.69
N GLN B 195 -2.57 -41.14 -7.12
CA GLN B 195 -1.29 -41.38 -7.77
C GLN B 195 -1.51 -42.14 -9.07
N ILE B 196 -0.74 -41.79 -10.09
CA ILE B 196 -0.87 -42.46 -11.39
C ILE B 196 0.47 -42.86 -11.99
N GLN B 197 0.41 -43.72 -13.01
CA GLN B 197 1.60 -44.18 -13.69
C GLN B 197 2.03 -43.14 -14.72
N MET B 198 3.33 -42.94 -14.87
CA MET B 198 3.87 -42.00 -15.83
C MET B 198 4.87 -42.76 -16.69
N LYS B 199 4.71 -42.66 -18.00
CA LYS B 199 5.61 -43.38 -18.91
C LYS B 199 6.75 -42.54 -19.46
N GLY B 200 7.16 -41.52 -18.72
CA GLY B 200 8.28 -40.71 -19.18
C GLY B 200 8.13 -39.22 -19.06
N VAL B 201 9.26 -38.55 -18.90
CA VAL B 201 9.32 -37.09 -18.78
C VAL B 201 10.29 -36.62 -19.86
N SER B 202 9.76 -35.88 -20.83
CA SER B 202 10.58 -35.40 -21.93
C SER B 202 11.01 -33.95 -21.83
N VAL B 203 12.24 -33.68 -22.25
CA VAL B 203 12.76 -32.33 -22.27
C VAL B 203 13.05 -32.03 -23.74
N GLY B 204 12.19 -31.21 -24.34
CA GLY B 204 12.34 -30.89 -25.75
C GLY B 204 11.61 -31.97 -26.53
N SER B 205 12.34 -32.96 -27.03
CA SER B 205 11.75 -34.06 -27.78
C SER B 205 12.45 -35.37 -27.40
N SER B 206 13.24 -35.32 -26.34
CA SER B 206 13.98 -36.50 -25.87
C SER B 206 13.56 -36.93 -24.46
N THR B 207 12.83 -38.05 -24.39
CA THR B 207 12.38 -38.58 -23.11
C THR B 207 13.58 -39.11 -22.32
N LEU B 208 14.34 -38.19 -21.72
CA LEU B 208 15.52 -38.57 -20.97
C LEU B 208 15.23 -38.84 -19.50
N LEU B 209 13.97 -38.96 -19.13
CA LEU B 209 13.64 -39.24 -17.74
C LEU B 209 12.45 -40.16 -17.57
N CYS B 210 12.50 -40.96 -16.51
CA CYS B 210 11.41 -41.88 -16.22
C CYS B 210 11.09 -42.75 -17.45
N GLU B 211 12.16 -43.22 -18.10
CA GLU B 211 12.05 -44.04 -19.30
C GLU B 211 11.32 -45.36 -19.04
N ASP B 212 11.71 -46.03 -17.97
CA ASP B 212 11.12 -47.32 -17.61
C ASP B 212 9.92 -47.10 -16.70
N GLY B 213 9.27 -45.94 -16.85
CA GLY B 213 8.11 -45.63 -16.03
C GLY B 213 8.48 -45.13 -14.65
N CYS B 214 7.51 -44.52 -13.97
CA CYS B 214 7.72 -44.00 -12.63
C CYS B 214 6.35 -43.53 -12.12
N LEU B 215 6.27 -43.14 -10.86
CA LEU B 215 5.00 -42.73 -10.28
C LEU B 215 4.78 -41.23 -10.22
N ALA B 216 3.52 -40.82 -10.31
CA ALA B 216 3.17 -39.41 -10.28
C ALA B 216 1.96 -39.12 -9.40
N LEU B 217 2.20 -38.42 -8.30
CA LEU B 217 1.17 -38.03 -7.35
C LEU B 217 0.61 -36.69 -7.83
N VAL B 218 -0.70 -36.58 -8.01
CA VAL B 218 -1.31 -35.31 -8.42
C VAL B 218 -1.66 -34.62 -7.10
N ASP B 219 -0.77 -33.77 -6.63
CA ASP B 219 -0.92 -33.09 -5.34
C ASP B 219 -1.30 -31.62 -5.40
N THR B 220 -2.57 -31.32 -5.16
CA THR B 220 -3.07 -29.95 -5.17
C THR B 220 -2.53 -29.15 -3.99
N GLY B 221 -2.00 -29.87 -2.99
CA GLY B 221 -1.46 -29.21 -1.82
C GLY B 221 0.03 -28.89 -1.92
N ALA B 222 0.62 -29.14 -3.08
CA ALA B 222 2.04 -28.86 -3.29
C ALA B 222 2.22 -27.68 -4.24
N SER B 223 3.17 -26.81 -3.91
CA SER B 223 3.42 -25.62 -4.72
C SER B 223 3.98 -25.89 -6.10
N TYR B 224 4.88 -26.86 -6.21
CA TYR B 224 5.49 -27.12 -7.50
C TYR B 224 5.38 -28.53 -8.01
N ILE B 225 6.04 -28.75 -9.14
CA ILE B 225 6.12 -30.06 -9.74
C ILE B 225 7.45 -30.52 -9.17
N SER B 226 7.44 -31.60 -8.41
CA SER B 226 8.67 -32.09 -7.82
C SER B 226 9.06 -33.44 -8.37
N GLY B 227 10.32 -33.79 -8.18
CA GLY B 227 10.84 -35.07 -8.62
C GLY B 227 11.89 -35.45 -7.60
N SER B 228 12.47 -36.64 -7.74
CA SER B 228 13.51 -37.09 -6.82
C SER B 228 14.72 -36.19 -7.05
N THR B 229 15.49 -35.94 -5.99
CA THR B 229 16.68 -35.10 -6.08
C THR B 229 17.49 -35.43 -7.33
N SER B 230 17.77 -36.71 -7.51
CA SER B 230 18.54 -37.16 -8.66
C SER B 230 17.84 -36.84 -9.99
N SER B 231 16.54 -37.12 -10.07
CA SER B 231 15.81 -36.83 -11.30
C SER B 231 15.86 -35.34 -11.64
N ILE B 232 15.60 -34.48 -10.66
CA ILE B 232 15.61 -33.05 -10.89
C ILE B 232 17.00 -32.54 -11.29
N GLU B 233 18.05 -33.18 -10.79
CA GLU B 233 19.41 -32.78 -11.14
C GLU B 233 19.66 -32.96 -12.62
N LYS B 234 19.29 -34.13 -13.14
CA LYS B 234 19.46 -34.45 -14.55
C LYS B 234 18.59 -33.51 -15.35
N LEU B 235 17.39 -33.25 -14.84
CA LEU B 235 16.44 -32.36 -15.47
C LEU B 235 17.02 -30.95 -15.62
N MET B 236 17.58 -30.46 -14.53
CA MET B 236 18.16 -29.13 -14.51
C MET B 236 19.39 -29.04 -15.41
N GLU B 237 20.20 -30.09 -15.45
CA GLU B 237 21.38 -30.06 -16.30
C GLU B 237 20.95 -29.95 -17.76
N ALA B 238 19.90 -30.65 -18.12
CA ALA B 238 19.39 -30.64 -19.50
C ALA B 238 18.72 -29.31 -19.80
N LEU B 239 18.45 -28.53 -18.77
CA LEU B 239 17.80 -27.24 -18.90
C LEU B 239 18.79 -26.08 -18.97
N GLY B 240 19.97 -26.30 -18.40
CA GLY B 240 20.98 -25.25 -18.41
C GLY B 240 20.92 -24.48 -17.10
N ALA B 241 19.96 -24.88 -16.26
CA ALA B 241 19.75 -24.26 -14.97
C ALA B 241 20.80 -24.69 -13.95
N LYS B 242 21.26 -23.74 -13.15
CA LYS B 242 22.25 -24.02 -12.14
C LYS B 242 21.72 -23.64 -10.78
N LYS B 243 22.09 -24.40 -9.76
CA LYS B 243 21.62 -24.12 -8.42
C LYS B 243 22.40 -22.97 -7.78
N ARG B 244 21.68 -21.88 -7.52
CA ARG B 244 22.23 -20.68 -6.90
C ARG B 244 22.77 -21.07 -5.52
N LEU B 245 21.90 -21.04 -4.52
CA LEU B 245 22.27 -21.41 -3.16
C LEU B 245 21.16 -22.32 -2.66
N PHE B 246 19.93 -21.86 -2.83
CA PHE B 246 18.77 -22.62 -2.40
C PHE B 246 17.99 -23.22 -3.55
N ASP B 247 17.87 -22.49 -4.65
CA ASP B 247 17.11 -23.01 -5.79
C ASP B 247 17.85 -22.94 -7.12
N TYR B 248 17.35 -23.68 -8.09
CA TYR B 248 17.95 -23.67 -9.41
C TYR B 248 17.49 -22.40 -10.10
N VAL B 249 18.36 -21.80 -10.90
CA VAL B 249 18.03 -20.58 -11.61
C VAL B 249 18.55 -20.57 -13.05
N VAL B 250 18.05 -19.61 -13.82
CA VAL B 250 18.43 -19.44 -15.21
C VAL B 250 18.45 -17.93 -15.48
N LYS B 251 19.22 -17.49 -16.46
CA LYS B 251 19.23 -16.07 -16.77
C LYS B 251 17.85 -15.74 -17.28
N CYS B 252 17.14 -14.86 -16.58
CA CYS B 252 15.77 -14.51 -16.97
C CYS B 252 15.57 -14.26 -18.46
N ASN B 253 16.54 -13.63 -19.10
CA ASN B 253 16.40 -13.34 -20.52
C ASN B 253 16.41 -14.60 -21.36
N GLU B 254 16.97 -15.66 -20.82
CA GLU B 254 17.05 -16.92 -21.54
C GLU B 254 15.89 -17.87 -21.24
N GLY B 255 15.08 -17.53 -20.24
CA GLY B 255 13.95 -18.38 -19.90
C GLY B 255 13.25 -18.95 -21.12
N PRO B 256 12.79 -18.09 -22.02
CA PRO B 256 12.09 -18.45 -23.26
C PRO B 256 12.77 -19.50 -24.14
N THR B 257 14.10 -19.53 -24.14
CA THR B 257 14.85 -20.50 -24.96
C THR B 257 14.77 -21.92 -24.41
N LEU B 258 14.40 -22.06 -23.15
CA LEU B 258 14.30 -23.38 -22.55
C LEU B 258 13.32 -24.26 -23.32
N PRO B 259 13.63 -25.57 -23.40
CA PRO B 259 12.81 -26.56 -24.09
C PRO B 259 11.53 -26.86 -23.33
N ASP B 260 10.57 -27.48 -24.02
CA ASP B 260 9.32 -27.83 -23.39
C ASP B 260 9.55 -29.05 -22.51
N ILE B 261 8.70 -29.22 -21.52
CA ILE B 261 8.80 -30.35 -20.63
C ILE B 261 7.46 -31.09 -20.71
N SER B 262 7.51 -32.32 -21.21
CA SER B 262 6.33 -33.16 -21.38
C SER B 262 6.27 -34.35 -20.43
N PHE B 263 5.13 -34.50 -19.76
CA PHE B 263 4.93 -35.62 -18.86
C PHE B 263 3.94 -36.54 -19.57
N HIS B 264 4.39 -37.74 -19.94
CA HIS B 264 3.51 -38.68 -20.64
C HIS B 264 2.60 -39.42 -19.66
N LEU B 265 1.32 -39.06 -19.70
CA LEU B 265 0.32 -39.66 -18.81
C LEU B 265 -0.86 -40.20 -19.61
N GLY B 266 -1.26 -41.42 -19.31
CA GLY B 266 -2.39 -42.01 -20.02
C GLY B 266 -2.28 -41.98 -21.52
N GLY B 267 -1.08 -42.21 -22.04
CA GLY B 267 -0.91 -42.22 -23.48
C GLY B 267 -0.74 -40.88 -24.13
N LYS B 268 -1.25 -39.82 -23.50
CA LYS B 268 -1.13 -38.48 -24.05
C LYS B 268 0.11 -37.78 -23.47
N GLU B 269 0.46 -36.63 -24.03
CA GLU B 269 1.63 -35.87 -23.57
C GLU B 269 1.18 -34.54 -22.97
N TYR B 270 1.52 -34.30 -21.71
CA TYR B 270 1.16 -33.03 -21.09
C TYR B 270 2.40 -32.13 -21.08
N THR B 271 2.33 -31.07 -21.86
CA THR B 271 3.46 -30.17 -22.02
C THR B 271 3.40 -28.78 -21.40
N LEU B 272 4.50 -28.40 -20.74
CA LEU B 272 4.64 -27.08 -20.14
C LEU B 272 5.75 -26.36 -20.91
N THR B 273 5.48 -25.14 -21.32
CA THR B 273 6.46 -24.33 -22.04
C THR B 273 7.31 -23.66 -20.96
N SER B 274 8.46 -23.13 -21.36
CA SER B 274 9.35 -22.47 -20.41
C SER B 274 8.55 -21.46 -19.62
N ALA B 275 7.60 -20.82 -20.30
CA ALA B 275 6.75 -19.82 -19.69
C ALA B 275 5.92 -20.43 -18.55
N ASP B 276 5.55 -21.70 -18.71
CA ASP B 276 4.75 -22.41 -17.73
C ASP B 276 5.51 -22.86 -16.48
N TYR B 277 6.82 -23.04 -16.57
CA TYR B 277 7.57 -23.49 -15.40
C TYR B 277 8.66 -22.55 -14.91
N VAL B 278 8.81 -21.40 -15.56
CA VAL B 278 9.82 -20.45 -15.12
C VAL B 278 9.16 -19.20 -14.55
N PHE B 279 9.60 -18.80 -13.36
CA PHE B 279 9.06 -17.59 -12.74
C PHE B 279 9.75 -16.40 -13.39
N GLN B 280 9.19 -15.94 -14.51
CA GLN B 280 9.76 -14.80 -15.23
C GLN B 280 9.46 -13.45 -14.56
N GLU B 281 10.04 -13.21 -13.39
CA GLU B 281 9.85 -11.94 -12.68
C GLU B 281 10.24 -10.80 -13.61
N SER B 282 11.21 -11.06 -14.47
CA SER B 282 11.66 -10.08 -15.45
C SER B 282 12.27 -10.88 -16.59
N TYR B 283 12.75 -10.19 -17.62
CA TYR B 283 13.36 -10.87 -18.76
C TYR B 283 14.71 -10.24 -19.05
N SER B 284 15.26 -9.54 -18.07
CA SER B 284 16.55 -8.90 -18.25
C SER B 284 17.68 -9.92 -18.30
N SER B 285 18.75 -9.53 -18.95
CA SER B 285 19.94 -10.37 -19.08
C SER B 285 20.87 -10.05 -17.92
N LYS B 286 20.37 -9.25 -16.98
CA LYS B 286 21.14 -8.83 -15.82
C LYS B 286 20.61 -9.46 -14.53
N LYS B 287 19.67 -10.38 -14.67
CA LYS B 287 19.08 -11.03 -13.50
C LYS B 287 18.78 -12.51 -13.66
N LEU B 288 18.65 -13.19 -12.53
CA LEU B 288 18.37 -14.63 -12.48
C LEU B 288 16.91 -14.92 -12.15
N CYS B 289 16.37 -15.98 -12.74
CA CYS B 289 14.98 -16.34 -12.50
C CYS B 289 14.82 -17.77 -11.99
N THR B 290 13.85 -17.97 -11.09
CA THR B 290 13.59 -19.27 -10.51
C THR B 290 12.62 -20.12 -11.31
N LEU B 291 12.71 -21.43 -11.12
CA LEU B 291 11.82 -22.38 -11.80
C LEU B 291 10.77 -22.87 -10.82
N ALA B 292 9.66 -23.37 -11.35
CA ALA B 292 8.58 -23.88 -10.51
C ALA B 292 8.69 -25.40 -10.37
N ILE B 293 9.92 -25.88 -10.38
CA ILE B 293 10.19 -27.31 -10.25
C ILE B 293 11.29 -27.43 -9.21
N HIS B 294 11.08 -28.31 -8.24
CA HIS B 294 12.05 -28.52 -7.17
C HIS B 294 12.25 -29.99 -6.89
N ALA B 295 13.36 -30.32 -6.25
CA ALA B 295 13.62 -31.70 -5.88
C ALA B 295 12.80 -31.94 -4.63
N MET B 296 12.34 -33.17 -4.45
CA MET B 296 11.55 -33.49 -3.27
C MET B 296 11.52 -35.00 -3.13
N ASP B 297 12.35 -35.53 -2.25
CA ASP B 297 12.35 -36.97 -2.05
C ASP B 297 11.22 -37.32 -1.12
N ILE B 298 10.31 -38.15 -1.62
CA ILE B 298 9.17 -38.58 -0.84
C ILE B 298 9.40 -40.02 -0.44
N PRO B 299 9.35 -40.30 0.87
CA PRO B 299 9.56 -41.63 1.43
C PRO B 299 8.42 -42.62 1.18
N PRO B 300 8.73 -43.93 1.14
CA PRO B 300 7.70 -44.94 0.92
C PRO B 300 6.69 -44.85 2.06
N PRO B 301 5.50 -45.43 1.89
CA PRO B 301 5.10 -46.14 0.67
C PRO B 301 4.75 -45.22 -0.49
N THR B 302 4.27 -44.03 -0.17
CA THR B 302 3.87 -43.07 -1.19
C THR B 302 4.91 -42.82 -2.28
N GLY B 303 6.15 -42.58 -1.87
CA GLY B 303 7.21 -42.33 -2.82
C GLY B 303 8.26 -43.43 -2.84
N PRO B 304 9.39 -43.20 -3.52
CA PRO B 304 9.65 -41.96 -4.25
C PRO B 304 8.80 -41.87 -5.51
N THR B 305 8.27 -40.67 -5.77
CA THR B 305 7.44 -40.43 -6.94
C THR B 305 7.47 -38.97 -7.26
N TRP B 306 7.04 -38.63 -8.47
CA TRP B 306 6.98 -37.25 -8.87
C TRP B 306 5.73 -36.67 -8.23
N ALA B 307 5.70 -35.36 -8.12
CA ALA B 307 4.54 -34.70 -7.56
C ALA B 307 4.14 -33.59 -8.52
N LEU B 308 2.90 -33.65 -9.01
CA LEU B 308 2.41 -32.63 -9.91
C LEU B 308 1.59 -31.68 -9.07
N GLY B 309 2.20 -30.57 -8.65
CA GLY B 309 1.50 -29.61 -7.82
C GLY B 309 0.99 -28.41 -8.58
N ALA B 310 0.81 -27.30 -7.87
CA ALA B 310 0.31 -26.06 -8.44
C ALA B 310 0.86 -25.78 -9.84
N THR B 311 2.17 -25.89 -10.01
CA THR B 311 2.78 -25.62 -11.32
C THR B 311 2.01 -26.31 -12.45
N PHE B 312 1.82 -27.62 -12.32
CA PHE B 312 1.11 -28.43 -13.31
C PHE B 312 -0.36 -28.05 -13.43
N ILE B 313 -1.09 -28.09 -12.31
CA ILE B 313 -2.52 -27.76 -12.30
C ILE B 313 -2.81 -26.38 -12.90
N ARG B 314 -1.83 -25.49 -12.81
CA ARG B 314 -1.97 -24.15 -13.34
C ARG B 314 -2.13 -24.22 -14.86
N LYS B 315 -1.56 -25.26 -15.46
CA LYS B 315 -1.62 -25.47 -16.91
C LYS B 315 -2.81 -26.34 -17.29
N PHE B 316 -3.08 -27.35 -16.48
CA PHE B 316 -4.17 -28.26 -16.76
C PHE B 316 -5.25 -28.31 -15.68
N TYR B 317 -6.47 -27.96 -16.05
CA TYR B 317 -7.59 -28.00 -15.12
C TYR B 317 -7.69 -29.48 -14.72
N THR B 318 -7.91 -29.75 -13.44
CA THR B 318 -7.97 -31.14 -12.98
C THR B 318 -9.25 -31.60 -12.33
N GLU B 319 -9.69 -32.80 -12.70
CA GLU B 319 -10.89 -33.37 -12.11
C GLU B 319 -10.52 -34.67 -11.39
N PHE B 320 -10.90 -34.77 -10.12
CA PHE B 320 -10.63 -35.99 -9.34
C PHE B 320 -11.95 -36.77 -9.26
N ASP B 321 -11.93 -37.93 -9.90
CA ASP B 321 -13.08 -38.81 -10.03
C ASP B 321 -13.05 -39.98 -9.05
N ARG B 322 -13.68 -39.81 -7.89
CA ARG B 322 -13.72 -40.86 -6.87
C ARG B 322 -14.47 -42.09 -7.37
N ARG B 323 -15.54 -41.84 -8.11
CA ARG B 323 -16.37 -42.90 -8.66
C ARG B 323 -15.60 -43.92 -9.51
N ASN B 324 -14.72 -43.41 -10.36
CA ASN B 324 -13.97 -44.28 -11.25
C ASN B 324 -12.49 -44.37 -10.90
N ASN B 325 -12.09 -43.87 -9.74
CA ASN B 325 -10.69 -43.89 -9.32
C ASN B 325 -9.78 -43.49 -10.48
N ARG B 326 -10.02 -42.30 -11.01
CA ARG B 326 -9.26 -41.80 -12.14
C ARG B 326 -9.08 -40.29 -12.00
N ILE B 327 -8.20 -39.71 -12.82
CA ILE B 327 -7.97 -38.28 -12.79
C ILE B 327 -8.09 -37.68 -14.21
N GLY B 328 -8.92 -36.66 -14.33
CA GLY B 328 -9.11 -36.03 -15.63
C GLY B 328 -8.27 -34.77 -15.78
N PHE B 329 -7.83 -34.51 -17.00
CA PHE B 329 -7.03 -33.34 -17.31
C PHE B 329 -7.60 -32.65 -18.54
N ALA B 330 -7.46 -31.34 -18.57
CA ALA B 330 -7.93 -30.53 -19.68
C ALA B 330 -7.19 -29.21 -19.64
N LEU B 331 -6.96 -28.63 -20.81
CA LEU B 331 -6.25 -27.36 -20.89
C LEU B 331 -7.07 -26.31 -20.15
N ALA B 332 -6.47 -25.71 -19.12
CA ALA B 332 -7.13 -24.69 -18.31
C ALA B 332 -7.13 -23.34 -19.03
N ARG B 333 -8.09 -22.48 -18.67
CA ARG B 333 -8.19 -21.17 -19.28
C ARG B 333 -8.83 -20.14 -18.35
C1 NAG C . -19.60 44.81 4.51
C2 NAG C . -20.73 45.83 4.35
C3 NAG C . -20.13 47.18 3.91
C4 NAG C . -19.09 47.63 4.94
C5 NAG C . -18.02 46.53 5.06
C6 NAG C . -16.94 46.86 6.07
C7 NAG C . -22.98 45.27 3.70
C8 NAG C . -23.98 46.01 2.83
N2 NAG C . -21.70 45.37 3.37
O3 NAG C . -21.17 48.15 3.82
O4 NAG C . -18.50 48.86 4.55
O5 NAG C . -18.63 45.29 5.46
O6 NAG C . -17.23 48.09 6.73
O7 NAG C . -23.39 44.61 4.67
C1 5IG D . -0.71 29.65 -2.34
N1 5IG D . -0.08 30.78 -1.97
C2 5IG D . -0.55 31.39 -0.88
N2 5IG D . -1.59 30.95 -0.15
C3 5IG D . -2.24 29.81 -0.51
C4 5IG D . -1.80 29.10 -1.64
N3 5IG D . -0.22 29.05 -3.44
N4 5IG D . 0.05 32.51 -0.47
C6 5IG D . -3.41 29.38 0.37
C7 5IG D . -3.56 27.72 -2.92
C8 5IG D . -4.02 26.44 -3.29
C9 5IG D . -3.34 25.27 -2.86
C10 5IG D . -2.17 25.38 -2.03
C11 5IG D . -1.76 26.66 -1.68
C12 5IG D . -2.42 27.83 -2.10
O3 5IG D . -3.86 24.06 -3.27
C14 5IG D . -3.07 22.88 -3.09
C15 5IG D . -1.88 22.96 -2.03
N5 5IG D . -1.49 24.23 -1.60
C16 5IG D . -0.31 24.28 -0.69
C17 5IG D . -0.65 24.28 0.83
C18 5IG D . 0.45 24.91 1.69
O1 5IG D . 0.32 24.53 3.05
C19 5IG D . 1.30 25.06 3.93
C21 5IG D . -2.45 22.51 -4.45
C20 5IG D . -4.09 21.81 -2.67
O4 5IG D . -1.33 21.92 -1.69
C5 5IG D . -2.99 28.47 1.52
C1 NAG E . -13.46 -40.29 19.14
C2 NAG E . -14.03 -41.36 20.10
C3 NAG E . -13.52 -42.75 19.73
C4 NAG E . -13.70 -43.03 18.23
C5 NAG E . -13.04 -41.91 17.44
C6 NAG E . -13.17 -42.11 15.94
C7 NAG E . -13.89 -39.89 22.04
C8 NAG E . -12.69 -39.02 22.38
N2 NAG E . -13.65 -41.07 21.48
O3 NAG E . -14.22 -43.73 20.47
O4 NAG E . -13.12 -44.29 17.90
O5 NAG E . -13.65 -40.66 17.77
O6 NAG E . -14.38 -41.51 15.47
O7 NAG E . -15.04 -39.50 22.32
C1 5IG F . 2.32 -30.36 1.51
N1 5IG F . 1.90 -31.51 0.94
C2 5IG F . 0.62 -31.82 1.10
N2 5IG F . -0.26 -31.07 1.79
C3 5IG F . 0.14 -29.91 2.38
C4 5IG F . 1.47 -29.49 2.25
N3 5IG F . 3.63 -30.05 1.33
N4 5IG F . 0.15 -32.94 0.56
C6 5IG F . -0.93 -29.14 3.12
C7 5IG F . 2.48 -28.04 4.13
C8 5IG F . 3.01 -26.78 4.52
C9 5IG F . 3.08 -25.69 3.59
C10 5IG F . 2.61 -25.86 2.25
C11 5IG F . 2.09 -27.13 1.91
C12 5IG F . 2.01 -28.21 2.80
O3 5IG F . 3.60 -24.49 4.07
C14 5IG F . 3.87 -23.43 3.13
C15 5IG F . 3.26 -23.57 1.69
N5 5IG F . 2.68 -24.79 1.33
C16 5IG F . 2.16 -24.89 -0.08
C17 5IG F . 0.66 -24.48 -0.23
C18 5IG F . 0.00 -25.13 -1.46
O1 5IG F . -1.28 -24.58 -1.68
C19 5IG F . -1.98 -25.11 -2.79
C21 5IG F . 5.40 -23.32 2.98
C20 5IG F . 3.32 -22.18 3.78
O4 5IG F . 3.34 -22.61 0.93
C5 5IG F . -1.90 -28.46 2.17
#